data_6RTT
#
_entry.id   6RTT
#
_cell.length_a   110.820
_cell.length_b   130.060
_cell.length_c   157.650
_cell.angle_alpha   90.000
_cell.angle_beta   90.000
_cell.angle_gamma   90.000
#
_symmetry.space_group_name_H-M   'C 2 2 21'
#
loop_
_entity.id
_entity.type
_entity.pdbx_description
1 polymer 'Semialdehyde dehydrogenase Pcd'
2 non-polymer 'PYRIDINE-2-CARBOXYLIC ACID'
3 non-polymer 'SULFATE ION'
4 non-polymer GLYCEROL
5 water water
#
_entity_poly.entity_id   1
_entity_poly.type   'polypeptide(L)'
_entity_poly.pdbx_seq_one_letter_code
;MVTAAISGTDEIRARAEQALTRCGVDLTAVKGDALTARTPLTGADLFGLRAQTPEDVDRAVEAAHTAFLTWRTTPAPVRG
ALVKRFGELLTEHKQDLADLVTIEAGKIRSEALGEVQEMIDICDFAVGLSRQLYGRTMPTERPGHRLMETWHPLGVVGVI
SAFNFPVAVWAWNAAVALVCGDTVVWKPSELTPLTALACAALLDLAIADAGAPKGLNQVVVGAADVGERLVDSPRVPLVS
ATGSTRMGRAVGPRVAARFGRTILELGGNNAAVVTPSADLDLTVNAAVFAAAGTAGQRCTTLRRLIVHEDIADTVVERLT
AAFERLPIGDPFQDTTLVGPLVNEAAFGRMREAVERATAEGGTLCAGGERQFPDAAPGAYYVRPALVRMPAQTAVVREET
FAPILYVLTYRDLDEAIRLNNEVPQGLSAGIFTADQSEAERFLAPDGADCGIANVNIGTSGAEIGGAFGGEKETGGGRES
GSDAWRAYMRRATNTVNYSGRVTLAQGVDFSQ
;
_entity_poly.pdbx_strand_id   A,B
#
loop_
_chem_comp.id
_chem_comp.type
_chem_comp.name
_chem_comp.formula
6PC non-polymer 'PYRIDINE-2-CARBOXYLIC ACID' 'C6 H5 N O2'
GOL non-polymer GLYCEROL 'C3 H8 O3'
SO4 non-polymer 'SULFATE ION' 'O4 S -2'
#
# COMPACT_ATOMS: atom_id res chain seq x y z
N ALA A 4 21.71 -13.89 41.27
CA ALA A 4 22.65 -12.93 40.73
C ALA A 4 22.43 -11.54 41.34
N ALA A 5 23.37 -10.63 41.09
CA ALA A 5 23.32 -9.28 41.62
C ALA A 5 22.64 -8.37 40.61
N ILE A 6 21.55 -7.73 41.01
CA ILE A 6 20.78 -6.86 40.14
C ILE A 6 20.90 -5.42 40.63
N SER A 7 21.11 -4.49 39.69
CA SER A 7 21.18 -3.07 40.02
C SER A 7 19.92 -2.64 40.77
N GLY A 8 20.10 -1.69 41.70
CA GLY A 8 18.97 -1.15 42.43
C GLY A 8 18.25 -0.07 41.65
N THR A 9 16.96 0.09 41.94
CA THR A 9 16.14 1.07 41.25
C THR A 9 16.73 2.48 41.37
N ASP A 10 17.28 2.81 42.54
CA ASP A 10 17.87 4.14 42.70
C ASP A 10 19.10 4.33 41.83
N GLU A 11 19.92 3.29 41.68
CA GLU A 11 21.09 3.38 40.80
C GLU A 11 20.67 3.52 39.35
N ILE A 12 19.62 2.78 38.96
CA ILE A 12 19.09 2.86 37.61
C ILE A 12 18.53 4.25 37.33
N ARG A 13 17.78 4.80 38.29
CA ARG A 13 17.21 6.13 38.11
C ARG A 13 18.30 7.19 37.94
N ALA A 14 19.36 7.10 38.75
CA ALA A 14 20.44 8.07 38.65
C ALA A 14 21.11 7.99 37.27
N ARG A 15 21.31 6.78 36.78
CA ARG A 15 21.91 6.63 35.45
C ARG A 15 20.97 7.14 34.38
N ALA A 16 19.66 6.86 34.51
CA ALA A 16 18.70 7.37 33.55
C ALA A 16 18.71 8.90 33.52
N GLU A 17 18.73 9.53 34.70
CA GLU A 17 18.70 10.98 34.74
C GLU A 17 19.97 11.58 34.15
N GLN A 18 21.12 10.97 34.40
CA GLN A 18 22.37 11.43 33.80
C GLN A 18 22.31 11.34 32.29
N ALA A 19 21.83 10.20 31.77
CA ALA A 19 21.75 10.03 30.32
C ALA A 19 20.82 11.06 29.69
N LEU A 20 19.66 11.28 30.30
CA LEU A 20 18.70 12.26 29.79
C LEU A 20 19.30 13.67 29.77
N THR A 21 19.96 14.05 30.85
CA THR A 21 20.55 15.39 30.90
C THR A 21 21.65 15.55 29.85
N ARG A 22 22.48 14.53 29.68
CA ARG A 22 23.55 14.60 28.67
C ARG A 22 22.98 14.71 27.26
N CYS A 23 21.82 14.10 27.01
CA CYS A 23 21.18 14.17 25.70
C CYS A 23 20.35 15.44 25.53
N GLY A 24 20.37 16.34 26.50
CA GLY A 24 19.72 17.62 26.37
C GLY A 24 18.30 17.72 26.85
N VAL A 25 17.80 16.69 27.54
CA VAL A 25 16.44 16.73 28.08
C VAL A 25 16.43 17.63 29.31
N ASP A 26 15.39 18.45 29.42
CA ASP A 26 15.15 19.27 30.61
C ASP A 26 14.32 18.44 31.58
N LEU A 27 14.98 17.85 32.58
CA LEU A 27 14.27 16.96 33.50
C LEU A 27 13.12 17.67 34.19
N THR A 28 13.31 18.92 34.58
CA THR A 28 12.24 19.66 35.25
C THR A 28 11.02 19.80 34.35
N ALA A 29 11.24 20.01 33.04
CA ALA A 29 10.13 20.24 32.13
C ALA A 29 9.35 18.97 31.82
N VAL A 30 10.01 17.80 31.81
CA VAL A 30 9.31 16.57 31.43
C VAL A 30 8.74 15.80 32.61
N LYS A 31 9.21 16.07 33.83
CA LYS A 31 8.68 15.38 35.00
C LYS A 31 7.29 15.89 35.35
N GLY A 32 6.54 15.05 36.05
CA GLY A 32 5.16 15.34 36.38
C GLY A 32 4.56 14.18 37.15
N ASP A 33 3.24 14.12 37.20
CA ASP A 33 2.52 13.14 38.00
C ASP A 33 1.51 12.32 37.20
N ALA A 34 1.46 12.49 35.88
CA ALA A 34 0.43 11.84 35.09
C ALA A 34 0.78 10.40 34.75
N LEU A 35 2.02 10.17 34.32
CA LEU A 35 2.49 8.86 33.91
C LEU A 35 3.82 8.59 34.62
N THR A 36 4.40 7.43 34.36
CA THR A 36 5.64 7.09 35.04
C THR A 36 6.60 6.41 34.08
N ALA A 37 7.88 6.75 34.18
CA ALA A 37 8.92 5.93 33.59
C ALA A 37 9.22 4.75 34.52
N ARG A 38 9.68 3.65 33.93
CA ARG A 38 9.87 2.43 34.69
C ARG A 38 11.07 1.68 34.12
N THR A 39 11.45 0.59 34.81
CA THR A 39 12.54 -0.25 34.30
C THR A 39 12.23 -1.72 34.52
N PRO A 40 12.33 -2.56 33.49
CA PRO A 40 12.19 -4.00 33.71
C PRO A 40 13.31 -4.60 34.55
N LEU A 41 14.40 -3.88 34.78
CA LEU A 41 15.51 -4.47 35.52
C LEU A 41 15.09 -4.82 36.94
N THR A 42 14.23 -4.01 37.53
CA THR A 42 13.65 -4.23 38.85
C THR A 42 12.13 -4.22 38.85
N GLY A 43 11.50 -3.86 37.73
CA GLY A 43 10.06 -3.72 37.69
C GLY A 43 9.51 -2.44 38.29
N ALA A 44 10.38 -1.56 38.79
CA ALA A 44 9.93 -0.42 39.57
C ALA A 44 9.75 0.82 38.71
N ASP A 45 8.90 1.71 39.20
CA ASP A 45 8.80 3.04 38.62
C ASP A 45 10.05 3.84 38.96
N LEU A 46 10.51 4.63 37.99
CA LEU A 46 11.69 5.47 38.18
C LEU A 46 11.29 6.86 38.68
N PHE A 47 10.43 7.53 37.93
CA PHE A 47 9.88 8.83 38.33
C PHE A 47 8.72 9.17 37.43
N GLY A 48 7.91 10.12 37.89
CA GLY A 48 6.72 10.49 37.17
C GLY A 48 7.01 11.50 36.07
N LEU A 49 6.13 11.49 35.07
CA LEU A 49 6.26 12.29 33.86
C LEU A 49 4.98 13.06 33.59
N ARG A 50 5.12 14.23 33.00
CA ARG A 50 3.98 14.93 32.41
C ARG A 50 3.46 14.14 31.21
N ALA A 51 2.15 14.23 30.98
CA ALA A 51 1.53 13.56 29.84
C ALA A 51 0.86 14.58 28.92
N GLN A 52 0.78 14.22 27.64
CA GLN A 52 -0.01 14.94 26.67
C GLN A 52 -1.45 14.44 26.69
N THR A 53 -2.37 15.33 26.38
CA THR A 53 -3.77 14.99 26.20
C THR A 53 -4.07 14.74 24.74
N PRO A 54 -5.23 14.15 24.42
CA PRO A 54 -5.62 14.05 23.00
C PRO A 54 -5.64 15.40 22.30
N GLU A 55 -6.08 16.45 22.99
CA GLU A 55 -6.03 17.79 22.42
C GLU A 55 -4.59 18.20 22.12
N ASP A 56 -3.64 17.83 22.99
CA ASP A 56 -2.23 18.12 22.71
C ASP A 56 -1.77 17.40 21.46
N VAL A 57 -2.29 16.20 21.19
CA VAL A 57 -1.91 15.47 19.99
C VAL A 57 -2.34 16.25 18.76
N ASP A 58 -3.58 16.75 18.76
CA ASP A 58 -4.04 17.51 17.62
C ASP A 58 -3.21 18.77 17.41
N ARG A 59 -2.84 19.43 18.51
CA ARG A 59 -1.97 20.60 18.40
C ARG A 59 -0.61 20.22 17.83
N ALA A 60 -0.06 19.07 18.26
CA ALA A 60 1.24 18.65 17.75
C ALA A 60 1.17 18.34 16.28
N VAL A 61 0.09 17.67 15.85
CA VAL A 61 -0.07 17.32 14.44
C VAL A 61 -0.19 18.58 13.59
N GLU A 62 -0.97 19.56 14.05
CA GLU A 62 -1.10 20.78 13.27
C GLU A 62 0.23 21.52 13.20
N ALA A 63 1.01 21.49 14.28
CA ALA A 63 2.32 22.15 14.23
C ALA A 63 3.26 21.40 13.29
N ALA A 64 3.17 20.07 13.29
CA ALA A 64 3.96 19.27 12.35
C ALA A 64 3.54 19.55 10.91
N HIS A 65 2.25 19.80 10.68
CA HIS A 65 1.82 20.11 9.33
C HIS A 65 2.32 21.48 8.89
N THR A 66 2.31 22.48 9.78
CA THR A 66 2.91 23.76 9.43
C THR A 66 4.38 23.59 9.07
N ALA A 67 5.12 22.80 9.84
CA ALA A 67 6.52 22.55 9.51
C ALA A 67 6.66 21.89 8.16
N PHE A 68 5.80 20.91 7.89
CA PHE A 68 5.78 20.23 6.59
C PHE A 68 5.62 21.22 5.43
N LEU A 69 4.78 22.25 5.60
CA LEU A 69 4.57 23.18 4.49
C LEU A 69 5.86 23.89 4.09
N THR A 70 6.80 24.07 5.03
CA THR A 70 8.11 24.60 4.69
C THR A 70 9.09 23.50 4.28
N TRP A 71 9.08 22.39 5.01
CA TRP A 71 10.04 21.32 4.78
C TRP A 71 9.86 20.71 3.39
N ARG A 72 8.64 20.61 2.90
CA ARG A 72 8.42 19.90 1.64
C ARG A 72 9.03 20.64 0.44
N THR A 73 9.30 21.94 0.55
CA THR A 73 10.02 22.64 -0.52
C THR A 73 11.46 22.93 -0.15
N THR A 74 11.93 22.44 0.99
CA THR A 74 13.36 22.47 1.31
C THR A 74 14.04 21.38 0.49
N PRO A 75 15.07 21.69 -0.29
CA PRO A 75 15.65 20.65 -1.18
C PRO A 75 16.05 19.42 -0.39
N ALA A 76 15.78 18.24 -0.96
CA ALA A 76 16.05 17.02 -0.21
C ALA A 76 17.51 16.92 0.25
N PRO A 77 18.51 17.32 -0.53
CA PRO A 77 19.88 17.25 0.00
C PRO A 77 20.11 18.13 1.21
N VAL A 78 19.41 19.26 1.32
CA VAL A 78 19.45 20.08 2.52
C VAL A 78 18.75 19.37 3.67
N ARG A 79 17.62 18.70 3.39
CA ARG A 79 16.97 17.89 4.42
C ARG A 79 17.91 16.78 4.88
N GLY A 80 18.67 16.20 3.95
CA GLY A 80 19.66 15.21 4.33
C GLY A 80 20.74 15.76 5.24
N ALA A 81 21.11 17.03 5.04
CA ALA A 81 22.12 17.63 5.91
C ALA A 81 21.67 17.64 7.37
N LEU A 82 20.37 17.85 7.61
CA LEU A 82 19.86 17.79 8.97
C LEU A 82 20.03 16.39 9.54
N VAL A 83 19.69 15.38 8.74
CA VAL A 83 19.79 14.00 9.19
C VAL A 83 21.25 13.62 9.44
N LYS A 84 22.16 14.14 8.61
CA LYS A 84 23.59 13.93 8.86
C LYS A 84 24.00 14.50 10.21
N ARG A 85 23.54 15.72 10.50
CA ARG A 85 23.86 16.35 11.78
C ARG A 85 23.31 15.53 12.95
N PHE A 86 22.09 15.01 12.80
CA PHE A 86 21.50 14.17 13.83
C PHE A 86 22.32 12.91 14.04
N GLY A 87 22.78 12.28 12.94
CA GLY A 87 23.64 11.12 13.08
C GLY A 87 24.91 11.41 13.86
N GLU A 88 25.48 12.60 13.67
CA GLU A 88 26.69 12.98 14.41
C GLU A 88 26.38 13.11 15.90
N LEU A 89 25.23 13.66 16.25
CA LEU A 89 24.85 13.77 17.65
C LEU A 89 24.56 12.40 18.25
N LEU A 90 23.93 11.50 17.49
CA LEU A 90 23.73 10.15 17.98
C LEU A 90 25.07 9.47 18.23
N THR A 91 26.03 9.63 17.32
CA THR A 91 27.35 9.07 17.52
C THR A 91 27.98 9.60 18.80
N GLU A 92 27.86 10.92 19.02
CA GLU A 92 28.42 11.56 20.20
C GLU A 92 27.81 11.03 21.49
N HIS A 93 26.51 10.70 21.47
CA HIS A 93 25.81 10.28 22.67
C HIS A 93 25.41 8.80 22.65
N LYS A 94 26.12 7.98 21.86
CA LYS A 94 25.75 6.59 21.68
C LYS A 94 25.64 5.86 23.02
N GLN A 95 26.63 6.05 23.89
CA GLN A 95 26.63 5.34 25.17
C GLN A 95 25.47 5.79 26.06
N ASP A 96 25.22 7.10 26.10
CA ASP A 96 24.10 7.62 26.90
C ASP A 96 22.77 7.04 26.43
N LEU A 97 22.53 7.09 25.12
CA LEU A 97 21.28 6.55 24.60
C LEU A 97 21.17 5.05 24.86
N ALA A 98 22.29 4.33 24.70
CA ALA A 98 22.25 2.90 24.93
C ALA A 98 21.91 2.59 26.39
N ASP A 99 22.41 3.42 27.32
CA ASP A 99 22.03 3.27 28.73
C ASP A 99 20.51 3.30 28.87
N LEU A 100 19.85 4.27 28.22
CA LEU A 100 18.40 4.38 28.32
C LEU A 100 17.69 3.19 27.68
N VAL A 101 18.23 2.66 26.57
CA VAL A 101 17.63 1.49 25.95
C VAL A 101 17.70 0.29 26.89
N THR A 102 18.86 0.07 27.52
CA THR A 102 18.94 -1.03 28.47
C THR A 102 17.97 -0.82 29.64
N ILE A 103 17.87 0.42 30.13
CA ILE A 103 17.06 0.68 31.32
C ILE A 103 15.58 0.43 31.04
N GLU A 104 15.09 0.85 29.87
CA GLU A 104 13.67 0.78 29.59
C GLU A 104 13.24 -0.50 28.90
N ALA A 105 14.09 -1.05 28.03
CA ALA A 105 13.76 -2.26 27.31
C ALA A 105 14.31 -3.53 27.97
N GLY A 106 15.30 -3.40 28.86
CA GLY A 106 15.88 -4.56 29.51
C GLY A 106 16.90 -5.33 28.70
N LYS A 107 17.32 -4.83 27.54
CA LYS A 107 18.21 -5.62 26.71
C LYS A 107 19.66 -5.38 27.11
N ILE A 108 20.51 -6.37 26.82
CA ILE A 108 21.89 -6.29 27.28
C ILE A 108 22.62 -5.14 26.61
N ARG A 109 23.68 -4.67 27.28
CA ARG A 109 24.45 -3.51 26.83
C ARG A 109 24.83 -3.58 25.36
N SER A 110 25.34 -4.73 24.92
CA SER A 110 25.81 -4.83 23.54
C SER A 110 24.65 -4.69 22.55
N GLU A 111 23.47 -5.22 22.90
CA GLU A 111 22.30 -5.04 22.03
C GLU A 111 21.79 -3.61 22.06
N ALA A 112 21.86 -2.94 23.22
CA ALA A 112 21.49 -1.54 23.30
C ALA A 112 22.41 -0.69 22.43
N LEU A 113 23.72 -0.94 22.51
CA LEU A 113 24.65 -0.22 21.65
C LEU A 113 24.36 -0.51 20.18
N GLY A 114 24.06 -1.76 19.86
CA GLY A 114 23.78 -2.11 18.48
C GLY A 114 22.52 -1.42 17.96
N GLU A 115 21.53 -1.26 18.82
CA GLU A 115 20.31 -0.59 18.38
C GLU A 115 20.56 0.90 18.10
N VAL A 116 21.38 1.54 18.95
CA VAL A 116 21.72 2.93 18.67
C VAL A 116 22.53 3.01 17.40
N GLN A 117 23.42 2.03 17.15
CA GLN A 117 24.19 2.06 15.91
C GLN A 117 23.27 1.89 14.70
N GLU A 118 22.18 1.13 14.83
CA GLU A 118 21.20 1.04 13.75
C GLU A 118 20.68 2.44 13.39
N MET A 119 20.43 3.27 14.41
CA MET A 119 19.96 4.64 14.15
C MET A 119 20.99 5.40 13.32
N ILE A 120 22.25 5.32 13.74
CA ILE A 120 23.32 6.02 13.04
C ILE A 120 23.42 5.53 11.61
N ASP A 121 23.31 4.20 11.42
CA ASP A 121 23.42 3.63 10.08
C ASP A 121 22.26 4.06 9.18
N ILE A 122 21.03 4.11 9.71
CA ILE A 122 19.94 4.54 8.83
C ILE A 122 20.06 6.03 8.52
N CYS A 123 20.62 6.81 9.45
CA CYS A 123 20.91 8.21 9.13
C CYS A 123 21.86 8.30 7.94
N ASP A 124 22.94 7.51 7.96
CA ASP A 124 23.87 7.54 6.84
C ASP A 124 23.19 7.11 5.55
N PHE A 125 22.34 6.07 5.64
CA PHE A 125 21.61 5.60 4.47
C PHE A 125 20.68 6.67 3.94
N ALA A 126 19.97 7.34 4.84
CA ALA A 126 18.99 8.36 4.42
C ALA A 126 19.68 9.56 3.80
N VAL A 127 20.89 9.91 4.27
CA VAL A 127 21.64 10.99 3.64
C VAL A 127 21.93 10.64 2.18
N GLY A 128 22.28 9.37 1.91
CA GLY A 128 22.42 8.95 0.52
C GLY A 128 21.12 9.07 -0.24
N LEU A 129 20.02 8.59 0.36
CA LEU A 129 18.72 8.65 -0.28
C LEU A 129 18.33 10.08 -0.63
N SER A 130 18.84 11.06 0.13
CA SER A 130 18.38 12.43 -0.06
C SER A 130 18.78 12.99 -1.43
N ARG A 131 19.73 12.34 -2.12
CA ARG A 131 20.06 12.72 -3.48
C ARG A 131 19.49 11.76 -4.52
N GLN A 132 18.63 10.85 -4.09
CA GLN A 132 18.09 9.83 -4.98
C GLN A 132 16.57 9.95 -5.09
N LEU A 133 15.84 9.37 -4.14
CA LEU A 133 14.37 9.37 -4.15
C LEU A 133 13.83 9.21 -5.58
N TYR A 134 14.34 8.21 -6.28
CA TYR A 134 14.23 8.19 -7.74
C TYR A 134 12.81 7.92 -8.21
N GLY A 135 12.33 8.78 -9.08
CA GLY A 135 11.27 8.44 -10.00
C GLY A 135 11.84 8.04 -11.34
N ARG A 136 11.06 8.23 -12.40
CA ARG A 136 11.42 7.72 -13.71
C ARG A 136 11.13 8.76 -14.78
N THR A 137 11.88 8.70 -15.87
CA THR A 137 11.48 9.34 -17.11
C THR A 137 11.28 8.21 -18.13
N MET A 138 10.31 8.35 -19.02
CA MET A 138 10.03 7.24 -19.93
C MET A 138 9.37 7.79 -21.18
N PRO A 139 9.39 7.03 -22.27
CA PRO A 139 8.75 7.51 -23.51
C PRO A 139 7.25 7.68 -23.33
N THR A 140 6.70 8.58 -24.11
CA THR A 140 5.26 8.68 -24.26
C THR A 140 4.90 8.34 -25.70
N GLU A 141 3.70 7.75 -25.87
CA GLU A 141 3.21 7.45 -27.20
C GLU A 141 2.80 8.69 -27.97
N ARG A 142 2.71 9.86 -27.32
CA ARG A 142 2.20 11.07 -27.96
C ARG A 142 3.35 11.87 -28.54
N PRO A 143 3.33 12.18 -29.84
CA PRO A 143 4.40 13.01 -30.41
C PRO A 143 4.45 14.38 -29.75
N GLY A 144 5.66 14.90 -29.59
CA GLY A 144 5.80 16.23 -29.03
C GLY A 144 5.35 16.34 -27.59
N HIS A 145 5.37 15.24 -26.86
CA HIS A 145 5.08 15.19 -25.43
C HIS A 145 6.26 14.56 -24.71
N ARG A 146 6.30 14.76 -23.39
CA ARG A 146 7.27 14.10 -22.52
C ARG A 146 6.51 13.49 -21.35
N LEU A 147 7.02 12.40 -20.79
CA LEU A 147 6.35 11.70 -19.70
C LEU A 147 7.35 11.40 -18.59
N MET A 148 6.95 11.58 -17.34
CA MET A 148 7.84 11.27 -16.24
C MET A 148 7.00 10.88 -15.04
N GLU A 149 7.66 10.30 -14.05
CA GLU A 149 7.07 9.97 -12.77
C GLU A 149 7.92 10.63 -11.69
N THR A 150 7.30 11.42 -10.84
CA THR A 150 7.99 12.14 -9.79
C THR A 150 7.44 11.72 -8.44
N TRP A 151 8.25 11.94 -7.41
CA TRP A 151 7.85 11.61 -6.04
C TRP A 151 7.88 12.87 -5.18
N HIS A 152 6.84 13.04 -4.38
CA HIS A 152 6.66 14.25 -3.61
C HIS A 152 6.45 13.94 -2.14
N PRO A 153 6.88 14.86 -1.26
CA PRO A 153 6.59 14.73 0.18
C PRO A 153 5.10 14.53 0.44
N LEU A 154 4.81 13.66 1.40
CA LEU A 154 3.45 13.23 1.70
C LEU A 154 2.78 14.11 2.76
N GLY A 155 3.43 14.37 3.87
CA GLY A 155 2.80 15.13 4.95
C GLY A 155 3.30 14.65 6.30
N VAL A 156 2.43 14.76 7.32
CA VAL A 156 2.78 14.32 8.68
C VAL A 156 2.70 12.80 8.77
N VAL A 157 3.74 12.18 9.33
CA VAL A 157 3.82 10.74 9.53
C VAL A 157 3.68 10.46 11.02
N GLY A 158 2.69 9.64 11.38
CA GLY A 158 2.52 9.21 12.76
C GLY A 158 3.26 7.92 12.97
N VAL A 159 4.14 7.90 13.98
CA VAL A 159 4.96 6.75 14.29
C VAL A 159 4.54 6.20 15.64
N ILE A 160 4.11 4.94 15.63
CA ILE A 160 3.78 4.20 16.84
C ILE A 160 4.82 3.09 16.97
N SER A 161 5.61 3.13 18.04
CA SER A 161 6.67 2.14 18.22
C SER A 161 6.41 1.33 19.47
N ALA A 162 7.21 0.27 19.65
CA ALA A 162 7.00 -0.69 20.73
C ALA A 162 8.11 -0.58 21.77
N PHE A 163 7.94 -1.34 22.86
CA PHE A 163 8.94 -1.24 23.92
C PHE A 163 10.26 -1.89 23.55
N ASN A 164 10.25 -2.85 22.62
CA ASN A 164 11.38 -3.76 22.50
C ASN A 164 12.49 -3.20 21.63
N PHE A 165 12.17 -2.32 20.69
CA PHE A 165 13.16 -1.56 19.93
C PHE A 165 12.74 -0.11 20.06
N PRO A 166 13.01 0.50 21.22
CA PRO A 166 12.43 1.81 21.51
C PRO A 166 13.08 2.96 20.76
N VAL A 167 14.19 2.75 20.05
CA VAL A 167 14.80 3.86 19.30
C VAL A 167 15.00 3.52 17.82
N ALA A 168 15.31 2.26 17.49
CA ALA A 168 15.66 1.97 16.09
C ALA A 168 14.47 2.12 15.16
N VAL A 169 13.28 1.67 15.59
CA VAL A 169 12.11 1.73 14.70
C VAL A 169 11.76 3.18 14.40
N TRP A 170 11.71 4.03 15.42
CA TRP A 170 11.48 5.45 15.14
C TRP A 170 12.57 6.01 14.23
N ALA A 171 13.84 5.62 14.47
CA ALA A 171 14.92 6.13 13.64
C ALA A 171 14.73 5.75 12.18
N TRP A 172 14.35 4.50 11.91
CA TRP A 172 14.05 4.07 10.54
C TRP A 172 13.01 4.98 9.92
N ASN A 173 11.93 5.22 10.66
CA ASN A 173 10.83 6.01 10.13
C ASN A 173 11.22 7.48 10.00
N ALA A 174 11.88 8.03 11.01
CA ALA A 174 12.14 9.46 11.04
C ALA A 174 13.25 9.85 10.08
N ALA A 175 14.35 9.10 10.04
CA ALA A 175 15.42 9.43 9.11
C ALA A 175 14.90 9.44 7.68
N VAL A 176 14.16 8.39 7.31
CA VAL A 176 13.61 8.30 5.96
C VAL A 176 12.53 9.36 5.73
N ALA A 177 11.60 9.51 6.67
CA ALA A 177 10.52 10.49 6.48
C ALA A 177 11.08 11.90 6.33
N LEU A 178 12.06 12.25 7.16
CA LEU A 178 12.60 13.61 7.09
C LEU A 178 13.28 13.87 5.75
N VAL A 179 14.08 12.93 5.25
CA VAL A 179 14.72 13.24 3.97
C VAL A 179 13.69 13.24 2.84
N CYS A 180 12.58 12.50 3.01
CA CYS A 180 11.46 12.51 2.05
C CYS A 180 10.60 13.77 2.14
N GLY A 181 10.93 14.71 3.01
CA GLY A 181 10.16 15.94 3.13
C GLY A 181 8.95 15.86 4.03
N ASP A 182 8.78 14.76 4.77
CA ASP A 182 7.70 14.61 5.74
C ASP A 182 8.13 15.17 7.09
N THR A 183 7.15 15.31 7.99
CA THR A 183 7.41 15.59 9.39
C THR A 183 6.82 14.44 10.20
N VAL A 184 7.16 14.39 11.49
CA VAL A 184 6.92 13.19 12.29
C VAL A 184 6.27 13.56 13.62
N VAL A 185 5.22 12.85 14.00
CA VAL A 185 4.70 12.84 15.36
C VAL A 185 4.83 11.42 15.89
N TRP A 186 5.55 11.26 16.98
CA TRP A 186 5.98 9.97 17.50
C TRP A 186 5.23 9.67 18.79
N LYS A 187 4.50 8.57 18.81
CA LYS A 187 3.92 8.04 20.05
C LYS A 187 4.71 6.82 20.46
N PRO A 188 5.68 6.96 21.35
CA PRO A 188 6.44 5.80 21.82
C PRO A 188 5.58 4.93 22.73
N SER A 189 6.07 3.71 22.96
CA SER A 189 5.44 2.82 23.91
C SER A 189 5.24 3.50 25.26
N GLU A 190 4.10 3.21 25.89
CA GLU A 190 3.87 3.69 27.25
C GLU A 190 4.93 3.15 28.21
N LEU A 191 5.60 2.06 27.83
CA LEU A 191 6.64 1.46 28.67
C LEU A 191 8.00 2.13 28.49
N THR A 192 8.25 2.91 27.42
CA THR A 192 9.60 3.40 27.13
C THR A 192 9.61 4.88 26.71
N PRO A 193 9.11 5.78 27.55
CA PRO A 193 9.11 7.19 27.16
C PRO A 193 10.47 7.86 27.20
N LEU A 194 11.38 7.44 28.10
CA LEU A 194 12.62 8.20 28.30
C LEU A 194 13.53 8.14 27.07
N THR A 195 13.65 6.96 26.47
CA THR A 195 14.43 6.84 25.24
C THR A 195 13.92 7.83 24.19
N ALA A 196 12.60 7.96 24.09
CA ALA A 196 12.02 8.86 23.09
C ALA A 196 12.32 10.32 23.42
N LEU A 197 12.22 10.70 24.69
CA LEU A 197 12.54 12.08 25.06
C LEU A 197 14.00 12.40 24.73
N ALA A 198 14.91 11.45 24.97
CA ALA A 198 16.32 11.69 24.68
C ALA A 198 16.56 11.82 23.18
N CYS A 199 15.98 10.92 22.38
CA CYS A 199 16.09 11.00 20.92
C CYS A 199 15.58 12.33 20.40
N ALA A 200 14.39 12.73 20.86
CA ALA A 200 13.80 13.97 20.36
C ALA A 200 14.63 15.17 20.76
N ALA A 201 15.22 15.16 21.96
CA ALA A 201 16.03 16.30 22.38
C ALA A 201 17.28 16.41 21.51
N LEU A 202 17.90 15.29 21.17
CA LEU A 202 19.04 15.35 20.27
C LEU A 202 18.64 15.82 18.88
N LEU A 203 17.52 15.34 18.36
CA LEU A 203 17.07 15.81 17.05
C LEU A 203 16.72 17.29 17.10
N ASP A 204 16.10 17.76 18.18
CA ASP A 204 15.80 19.18 18.31
C ASP A 204 17.07 20.04 18.32
N LEU A 205 18.17 19.52 18.89
CA LEU A 205 19.44 20.24 18.82
C LEU A 205 19.94 20.29 17.38
N ALA A 206 19.89 19.16 16.67
CA ALA A 206 20.26 19.15 15.27
C ALA A 206 19.44 20.16 14.46
N ILE A 207 18.13 20.21 14.72
CA ILE A 207 17.24 21.15 14.04
C ILE A 207 17.66 22.59 14.32
N ALA A 208 17.99 22.89 15.58
CA ALA A 208 18.44 24.23 15.91
C ALA A 208 19.75 24.56 15.20
N ASP A 209 20.71 23.63 15.21
CA ASP A 209 21.98 23.84 14.52
C ASP A 209 21.76 24.09 13.04
N ALA A 210 20.83 23.35 12.43
CA ALA A 210 20.60 23.43 11.00
C ALA A 210 19.74 24.62 10.60
N GLY A 211 19.13 25.33 11.55
CA GLY A 211 18.15 26.33 11.19
C GLY A 211 16.91 25.74 10.54
N ALA A 212 16.58 24.49 10.84
CA ALA A 212 15.43 23.83 10.27
C ALA A 212 14.15 24.18 11.03
N PRO A 213 12.97 23.89 10.45
CA PRO A 213 11.72 24.20 11.15
C PRO A 213 11.60 23.45 12.47
N LYS A 214 11.11 24.14 13.51
CA LYS A 214 11.03 23.51 14.83
C LYS A 214 10.05 22.34 14.88
N GLY A 215 9.01 22.33 14.07
CA GLY A 215 8.05 21.26 14.24
C GLY A 215 8.32 19.97 13.46
N LEU A 216 9.58 19.71 13.08
CA LEU A 216 9.84 18.55 12.22
C LEU A 216 9.56 17.23 12.93
N ASN A 217 9.77 17.18 14.24
CA ASN A 217 9.55 15.95 15.01
C ASN A 217 9.04 16.33 16.39
N GLN A 218 8.02 15.63 16.85
CA GLN A 218 7.51 15.83 18.20
C GLN A 218 7.17 14.48 18.81
N VAL A 219 7.46 14.34 20.10
CA VAL A 219 7.09 13.16 20.87
C VAL A 219 5.85 13.47 21.69
N VAL A 220 4.85 12.60 21.62
CA VAL A 220 3.67 12.69 22.47
C VAL A 220 3.70 11.54 23.46
N VAL A 221 3.70 11.88 24.75
CA VAL A 221 3.80 10.92 25.84
C VAL A 221 2.40 10.74 26.41
N GLY A 222 1.92 9.50 26.43
CA GLY A 222 0.56 9.28 26.87
C GLY A 222 0.19 7.82 26.88
N ALA A 223 -1.09 7.58 27.13
CA ALA A 223 -1.68 6.26 27.14
C ALA A 223 -2.41 6.03 25.82
N ALA A 224 -3.32 5.05 25.78
CA ALA A 224 -3.91 4.62 24.51
C ALA A 224 -4.72 5.73 23.86
N ASP A 225 -5.36 6.60 24.63
CA ASP A 225 -6.19 7.64 24.01
C ASP A 225 -5.33 8.62 23.22
N VAL A 226 -4.08 8.84 23.65
CA VAL A 226 -3.16 9.69 22.90
C VAL A 226 -2.78 9.02 21.58
N GLY A 227 -2.48 7.73 21.62
CA GLY A 227 -2.17 7.03 20.37
C GLY A 227 -3.36 6.99 19.43
N GLU A 228 -4.55 6.74 19.97
CA GLU A 228 -5.74 6.66 19.11
C GLU A 228 -6.03 7.98 18.41
N ARG A 229 -5.80 9.11 19.10
CA ARG A 229 -6.04 10.40 18.48
C ARG A 229 -5.08 10.64 17.33
N LEU A 230 -3.84 10.19 17.49
CA LEU A 230 -2.86 10.28 16.40
C LEU A 230 -3.31 9.47 15.19
N VAL A 231 -3.74 8.22 15.42
CA VAL A 231 -4.19 7.34 14.34
C VAL A 231 -5.37 7.94 13.60
N ASP A 232 -6.26 8.61 14.30
CA ASP A 232 -7.50 9.10 13.69
C ASP A 232 -7.36 10.46 13.01
N SER A 233 -6.20 11.10 13.10
CA SER A 233 -6.08 12.48 12.60
C SER A 233 -6.21 12.55 11.08
N PRO A 234 -7.12 13.36 10.56
CA PRO A 234 -7.19 13.55 9.10
C PRO A 234 -5.96 14.24 8.51
N ARG A 235 -5.06 14.80 9.34
CA ARG A 235 -3.86 15.46 8.86
C ARG A 235 -2.64 14.53 8.84
N VAL A 236 -2.84 13.25 9.13
CA VAL A 236 -1.74 12.27 9.17
C VAL A 236 -1.93 11.28 8.03
N PRO A 237 -1.35 11.51 6.86
CA PRO A 237 -1.62 10.62 5.72
C PRO A 237 -0.96 9.26 5.82
N LEU A 238 0.05 9.09 6.69
CA LEU A 238 0.72 7.81 6.86
C LEU A 238 0.87 7.52 8.34
N VAL A 239 0.42 6.34 8.77
CA VAL A 239 0.70 5.85 10.12
C VAL A 239 1.58 4.62 10.00
N SER A 240 2.72 4.65 10.68
CA SER A 240 3.63 3.53 10.76
C SER A 240 3.54 2.95 12.16
N ALA A 241 3.09 1.70 12.27
CA ALA A 241 2.81 1.10 13.57
C ALA A 241 3.52 -0.22 13.73
N THR A 242 4.26 -0.36 14.82
CA THR A 242 4.95 -1.58 15.20
C THR A 242 4.43 -2.01 16.56
N GLY A 243 4.07 -3.29 16.68
CA GLY A 243 3.52 -3.77 17.93
C GLY A 243 2.97 -5.16 17.75
N SER A 244 2.17 -5.60 18.73
CA SER A 244 1.59 -6.93 18.66
C SER A 244 0.55 -7.00 17.54
N THR A 245 0.02 -8.21 17.32
CA THR A 245 -0.97 -8.41 16.27
C THR A 245 -2.20 -7.53 16.47
N ARG A 246 -2.58 -7.28 17.73
CA ARG A 246 -3.80 -6.52 18.01
C ARG A 246 -3.71 -5.09 17.50
N MET A 247 -2.49 -4.53 17.40
CA MET A 247 -2.31 -3.21 16.80
C MET A 247 -2.81 -3.17 15.36
N GLY A 248 -2.82 -4.32 14.68
CA GLY A 248 -3.24 -4.39 13.29
C GLY A 248 -4.71 -4.09 13.07
N ARG A 249 -5.60 -4.88 13.70
CA ARG A 249 -7.03 -4.64 13.53
C ARG A 249 -7.43 -3.28 14.08
N ALA A 250 -6.67 -2.76 15.03
CA ALA A 250 -6.86 -1.37 15.41
C ALA A 250 -6.49 -0.51 14.19
N VAL A 251 -5.19 -0.39 13.91
CA VAL A 251 -4.70 0.72 13.12
C VAL A 251 -5.11 0.57 11.65
N GLY A 252 -4.92 -0.61 11.07
CA GLY A 252 -5.12 -0.82 9.66
C GLY A 252 -6.48 -0.36 9.15
N PRO A 253 -7.55 -0.94 9.69
CA PRO A 253 -8.89 -0.58 9.20
C PRO A 253 -9.28 0.86 9.48
N ARG A 254 -8.92 1.40 10.66
CA ARG A 254 -9.27 2.78 11.00
C ARG A 254 -8.65 3.77 10.03
N VAL A 255 -7.37 3.59 9.72
CA VAL A 255 -6.70 4.50 8.81
C VAL A 255 -7.21 4.30 7.40
N ALA A 256 -7.46 3.04 7.02
CA ALA A 256 -8.06 2.79 5.72
C ALA A 256 -9.41 3.49 5.62
N ALA A 257 -10.17 3.52 6.71
CA ALA A 257 -11.49 4.13 6.71
C ALA A 257 -11.46 5.63 6.42
N ARG A 258 -10.33 6.30 6.61
CA ARG A 258 -10.20 7.70 6.28
C ARG A 258 -9.26 7.92 5.09
N PHE A 259 -9.03 6.88 4.29
CA PHE A 259 -8.24 6.95 3.06
C PHE A 259 -6.79 7.30 3.36
N GLY A 260 -6.30 6.91 4.54
CA GLY A 260 -4.89 7.05 4.86
C GLY A 260 -4.11 5.80 4.49
N ARG A 261 -2.79 5.89 4.63
CA ARG A 261 -1.87 4.81 4.34
C ARG A 261 -1.29 4.28 5.64
N THR A 262 -1.03 2.97 5.71
CA THR A 262 -0.34 2.42 6.88
C THR A 262 0.87 1.59 6.47
N ILE A 263 1.87 1.58 7.34
CA ILE A 263 2.97 0.62 7.33
C ILE A 263 2.83 -0.16 8.63
N LEU A 264 2.53 -1.44 8.54
CA LEU A 264 2.28 -2.27 9.71
C LEU A 264 3.33 -3.37 9.80
N GLU A 265 3.98 -3.48 10.95
CA GLU A 265 4.91 -4.56 11.25
C GLU A 265 4.54 -5.06 12.64
N LEU A 266 3.82 -6.19 12.69
CA LEU A 266 3.14 -6.63 13.89
C LEU A 266 3.75 -7.91 14.47
N GLY A 267 5.04 -8.13 14.25
CA GLY A 267 5.72 -9.25 14.86
C GLY A 267 5.64 -10.51 14.04
N GLY A 268 6.26 -11.56 14.57
CA GLY A 268 6.39 -12.81 13.83
C GLY A 268 6.30 -13.99 14.77
N ASN A 269 6.09 -15.15 14.17
CA ASN A 269 6.16 -16.44 14.83
C ASN A 269 7.18 -17.26 14.06
N ASN A 270 8.44 -16.85 14.15
CA ASN A 270 9.41 -17.19 13.13
C ASN A 270 10.03 -18.57 13.35
N ALA A 271 10.21 -19.29 12.24
CA ALA A 271 10.73 -20.64 12.28
C ALA A 271 12.06 -20.75 11.55
N ALA A 272 12.84 -21.75 11.95
CA ALA A 272 14.02 -22.16 11.21
C ALA A 272 13.92 -23.65 10.95
N VAL A 273 14.26 -24.05 9.73
CA VAL A 273 14.28 -25.46 9.31
C VAL A 273 15.71 -25.95 9.45
N VAL A 274 15.89 -27.12 10.07
CA VAL A 274 17.20 -27.73 10.23
C VAL A 274 17.21 -29.03 9.44
N THR A 275 17.98 -29.07 8.35
CA THR A 275 18.00 -30.20 7.44
C THR A 275 19.05 -31.21 7.88
N PRO A 276 19.04 -32.42 7.32
CA PRO A 276 20.03 -33.42 7.75
C PRO A 276 21.46 -33.00 7.52
N SER A 277 21.75 -32.15 6.52
CA SER A 277 23.13 -31.73 6.26
C SER A 277 23.54 -30.48 7.02
N ALA A 278 22.69 -29.96 7.90
CA ALA A 278 23.01 -28.73 8.61
C ALA A 278 24.30 -28.87 9.42
N ASP A 279 25.11 -27.81 9.40
CA ASP A 279 26.26 -27.71 10.29
C ASP A 279 25.73 -27.49 11.71
N LEU A 280 25.87 -28.50 12.56
CA LEU A 280 25.15 -28.46 13.85
C LEU A 280 25.76 -27.45 14.82
N ASP A 281 27.08 -27.24 14.77
CA ASP A 281 27.66 -26.19 15.61
C ASP A 281 27.15 -24.81 15.19
N LEU A 282 27.15 -24.53 13.88
CA LEU A 282 26.55 -23.29 13.39
C LEU A 282 25.09 -23.19 13.81
N THR A 283 24.33 -24.27 13.59
CA THR A 283 22.89 -24.23 13.81
C THR A 283 22.54 -24.03 15.28
N VAL A 284 23.23 -24.74 16.18
CA VAL A 284 22.90 -24.61 17.60
C VAL A 284 23.21 -23.19 18.09
N ASN A 285 24.37 -22.65 17.70
CA ASN A 285 24.70 -21.27 18.08
C ASN A 285 23.69 -20.28 17.53
N ALA A 286 23.34 -20.41 16.25
CA ALA A 286 22.40 -19.47 15.64
C ALA A 286 21.03 -19.57 16.30
N ALA A 287 20.59 -20.81 16.60
CA ALA A 287 19.27 -21.00 17.18
C ALA A 287 19.20 -20.45 18.59
N VAL A 288 20.24 -20.68 19.40
CA VAL A 288 20.25 -20.14 20.75
C VAL A 288 20.21 -18.62 20.72
N PHE A 289 21.07 -18.00 19.90
CA PHE A 289 21.10 -16.54 19.82
C PHE A 289 19.75 -15.98 19.40
N ALA A 290 19.11 -16.61 18.43
CA ALA A 290 17.87 -16.07 17.87
C ALA A 290 16.66 -16.38 18.74
N ALA A 291 16.71 -17.46 19.52
CA ALA A 291 15.59 -17.81 20.40
C ALA A 291 15.69 -17.12 21.75
N ALA A 292 16.89 -17.05 22.32
CA ALA A 292 17.08 -16.53 23.66
C ALA A 292 17.47 -15.06 23.70
N GLY A 293 18.00 -14.53 22.60
CA GLY A 293 18.41 -13.13 22.58
C GLY A 293 17.24 -12.20 22.86
N THR A 294 17.55 -11.11 23.57
CA THR A 294 16.53 -10.12 23.94
C THR A 294 15.41 -10.78 24.75
N ALA A 295 15.73 -11.88 25.43
CA ALA A 295 14.76 -12.66 26.20
C ALA A 295 13.54 -13.03 25.36
N GLY A 296 13.77 -13.36 24.09
CA GLY A 296 12.68 -13.75 23.21
C GLY A 296 11.71 -12.65 22.86
N GLN A 297 12.11 -11.38 23.00
CA GLN A 297 11.23 -10.23 22.79
C GLN A 297 11.62 -9.42 21.56
N ARG A 298 12.12 -10.10 20.53
CA ARG A 298 12.27 -9.49 19.22
C ARG A 298 11.09 -9.85 18.33
N CYS A 299 10.71 -8.92 17.46
CA CYS A 299 9.76 -9.29 16.41
C CYS A 299 10.29 -10.48 15.61
N THR A 300 11.61 -10.56 15.45
CA THR A 300 12.25 -11.62 14.67
C THR A 300 12.69 -12.82 15.50
N THR A 301 12.27 -12.92 16.75
CA THR A 301 12.71 -14.02 17.61
C THR A 301 12.36 -15.38 17.00
N LEU A 302 13.30 -16.32 17.14
CA LEU A 302 13.07 -17.70 16.73
C LEU A 302 12.15 -18.39 17.74
N ARG A 303 10.96 -18.80 17.29
CA ARG A 303 9.99 -19.45 18.15
C ARG A 303 9.67 -20.89 17.75
N ARG A 304 10.03 -21.31 16.54
CA ARG A 304 9.71 -22.66 16.09
C ARG A 304 10.94 -23.19 15.39
N LEU A 305 11.34 -24.41 15.74
CA LEU A 305 12.48 -25.07 15.09
C LEU A 305 11.96 -26.35 14.46
N ILE A 306 12.11 -26.46 13.15
CA ILE A 306 11.53 -27.54 12.37
C ILE A 306 12.70 -28.42 11.94
N VAL A 307 12.91 -29.55 12.62
CA VAL A 307 14.15 -30.32 12.54
C VAL A 307 13.90 -31.67 11.88
N HIS A 308 14.80 -32.07 10.98
CA HIS A 308 14.61 -33.35 10.32
C HIS A 308 14.70 -34.49 11.34
N GLU A 309 13.83 -35.49 11.15
CA GLU A 309 13.76 -36.59 12.11
C GLU A 309 15.10 -37.30 12.29
N ASP A 310 15.96 -37.32 11.27
CA ASP A 310 17.23 -38.04 11.41
C ASP A 310 18.16 -37.39 12.43
N ILE A 311 18.05 -36.09 12.66
CA ILE A 311 18.94 -35.39 13.57
C ILE A 311 18.19 -34.74 14.71
N ALA A 312 16.89 -34.97 14.83
CA ALA A 312 16.11 -34.24 15.83
C ALA A 312 16.60 -34.53 17.25
N ASP A 313 16.93 -35.79 17.54
CA ASP A 313 17.32 -36.12 18.91
C ASP A 313 18.61 -35.43 19.31
N THR A 314 19.62 -35.44 18.44
CA THR A 314 20.88 -34.82 18.79
C THR A 314 20.77 -33.29 18.84
N VAL A 315 19.93 -32.71 17.99
CA VAL A 315 19.73 -31.27 18.03
C VAL A 315 19.07 -30.86 19.34
N VAL A 316 18.08 -31.63 19.79
CA VAL A 316 17.43 -31.31 21.06
C VAL A 316 18.41 -31.45 22.22
N GLU A 317 19.25 -32.50 22.21
CA GLU A 317 20.23 -32.67 23.27
C GLU A 317 21.17 -31.48 23.37
N ARG A 318 21.67 -31.01 22.22
CA ARG A 318 22.62 -29.90 22.23
C ARG A 318 21.93 -28.61 22.63
N LEU A 319 20.69 -28.40 22.18
CA LEU A 319 19.97 -27.20 22.57
C LEU A 319 19.64 -27.23 24.05
N THR A 320 19.27 -28.40 24.57
CA THR A 320 18.99 -28.53 26.00
C THR A 320 20.21 -28.13 26.82
N ALA A 321 21.38 -28.64 26.45
CA ALA A 321 22.61 -28.30 27.17
C ALA A 321 22.91 -26.81 27.04
N ALA A 322 22.72 -26.23 25.86
CA ALA A 322 23.02 -24.82 25.67
C ALA A 322 22.07 -23.94 26.48
N PHE A 323 20.77 -24.26 26.47
CA PHE A 323 19.80 -23.48 27.24
C PHE A 323 20.11 -23.51 28.74
N GLU A 324 20.64 -24.64 29.22
CA GLU A 324 21.01 -24.77 30.62
C GLU A 324 22.21 -23.90 30.99
N ARG A 325 23.05 -23.53 30.03
CA ARG A 325 24.24 -22.72 30.27
C ARG A 325 24.02 -21.24 30.03
N LEU A 326 22.82 -20.82 29.65
CA LEU A 326 22.59 -19.42 29.33
C LEU A 326 22.79 -18.55 30.57
N PRO A 327 23.61 -17.52 30.50
CA PRO A 327 23.78 -16.60 31.64
C PRO A 327 22.66 -15.56 31.69
N ILE A 328 21.85 -15.63 32.73
CA ILE A 328 20.70 -14.75 32.92
C ILE A 328 21.04 -13.80 34.06
N GLY A 329 20.82 -12.51 33.85
CA GLY A 329 21.13 -11.56 34.89
C GLY A 329 20.92 -10.12 34.49
N ASP A 330 21.53 -9.25 35.26
CA ASP A 330 21.43 -7.81 35.03
C ASP A 330 21.97 -7.48 33.64
N PRO A 331 21.21 -6.81 32.78
CA PRO A 331 21.71 -6.53 31.42
C PRO A 331 22.84 -5.52 31.36
N PHE A 332 23.18 -4.84 32.46
CA PHE A 332 24.37 -4.00 32.47
C PHE A 332 25.65 -4.79 32.67
N GLN A 333 25.56 -6.01 33.21
CA GLN A 333 26.75 -6.82 33.41
C GLN A 333 27.17 -7.46 32.09
N ASP A 334 28.46 -7.37 31.78
CA ASP A 334 28.96 -7.92 30.53
C ASP A 334 28.79 -9.43 30.45
N THR A 335 28.65 -10.10 31.59
CA THR A 335 28.46 -11.55 31.61
C THR A 335 27.07 -11.99 31.17
N THR A 336 26.11 -11.08 31.14
CA THR A 336 24.72 -11.45 30.90
C THR A 336 24.44 -11.61 29.40
N LEU A 337 23.79 -12.71 29.03
CA LEU A 337 23.23 -12.84 27.70
C LEU A 337 21.71 -12.66 27.68
N VAL A 338 21.01 -13.03 28.75
CA VAL A 338 19.55 -12.92 28.81
C VAL A 338 19.17 -11.99 29.96
N GLY A 339 18.56 -10.86 29.63
CA GLY A 339 18.00 -9.98 30.62
C GLY A 339 16.55 -10.34 30.95
N PRO A 340 15.83 -9.45 31.61
CA PRO A 340 14.48 -9.76 32.07
C PRO A 340 13.41 -9.57 31.00
N LEU A 341 12.28 -10.24 31.22
CA LEU A 341 11.05 -9.92 30.49
C LEU A 341 10.57 -8.53 30.89
N VAL A 342 9.67 -7.97 30.08
CA VAL A 342 9.39 -6.55 30.25
C VAL A 342 8.56 -6.30 31.52
N ASN A 343 7.63 -7.20 31.85
CA ASN A 343 6.77 -6.97 33.02
C ASN A 343 6.11 -8.29 33.44
N GLU A 344 5.30 -8.22 34.49
CA GLU A 344 4.71 -9.43 35.05
C GLU A 344 3.75 -10.08 34.06
N ALA A 345 2.99 -9.27 33.32
CA ALA A 345 2.03 -9.85 32.37
C ALA A 345 2.75 -10.68 31.31
N ALA A 346 3.94 -10.25 30.89
CA ALA A 346 4.73 -11.04 29.95
C ALA A 346 5.13 -12.37 30.56
N PHE A 347 5.54 -12.36 31.83
CA PHE A 347 5.87 -13.61 32.52
C PHE A 347 4.64 -14.52 32.63
N GLY A 348 3.50 -13.93 32.98
CA GLY A 348 2.28 -14.73 33.08
C GLY A 348 1.93 -15.41 31.77
N ARG A 349 1.99 -14.67 30.65
CA ARG A 349 1.65 -15.28 29.37
C ARG A 349 2.65 -16.38 28.99
N MET A 350 3.92 -16.20 29.35
CA MET A 350 4.90 -17.24 29.08
C MET A 350 4.57 -18.52 29.85
N ARG A 351 4.29 -18.39 31.15
CA ARG A 351 3.99 -19.58 31.95
C ARG A 351 2.74 -20.28 31.43
N GLU A 352 1.71 -19.52 31.07
CA GLU A 352 0.49 -20.12 30.54
C GLU A 352 0.74 -20.87 29.24
N ALA A 353 1.61 -20.33 28.38
CA ALA A 353 1.91 -21.02 27.13
C ALA A 353 2.66 -22.32 27.37
N VAL A 354 3.68 -22.29 28.25
CA VAL A 354 4.43 -23.51 28.52
C VAL A 354 3.53 -24.56 29.14
N GLU A 355 2.67 -24.16 30.08
CA GLU A 355 1.74 -25.12 30.68
C GLU A 355 0.79 -25.69 29.64
N ARG A 356 0.31 -24.86 28.72
CA ARG A 356 -0.61 -25.35 27.70
C ARG A 356 0.09 -26.25 26.70
N ALA A 357 1.37 -25.97 26.41
CA ALA A 357 2.10 -26.82 25.48
C ALA A 357 2.25 -28.23 26.02
N THR A 358 2.56 -28.37 27.32
CA THR A 358 2.66 -29.70 27.90
C THR A 358 1.30 -30.40 27.93
N ALA A 359 0.22 -29.63 28.07
CA ALA A 359 -1.12 -30.21 28.02
C ALA A 359 -1.51 -30.60 26.60
N GLU A 360 -0.93 -29.95 25.59
CA GLU A 360 -1.17 -30.32 24.20
C GLU A 360 -0.22 -31.41 23.73
N GLY A 361 0.46 -32.10 24.65
CA GLY A 361 1.32 -33.22 24.33
C GLY A 361 2.81 -32.94 24.32
N GLY A 362 3.24 -31.72 24.64
CA GLY A 362 4.65 -31.38 24.53
C GLY A 362 5.47 -31.78 25.74
N THR A 363 6.78 -31.74 25.56
CA THR A 363 7.75 -32.07 26.61
C THR A 363 8.66 -30.87 26.84
N LEU A 364 8.65 -30.34 28.05
CA LEU A 364 9.55 -29.25 28.42
C LEU A 364 10.96 -29.82 28.60
N CYS A 365 11.87 -29.45 27.69
CA CYS A 365 13.23 -29.99 27.72
C CYS A 365 14.19 -29.19 28.58
N ALA A 366 14.03 -27.87 28.63
CA ALA A 366 14.91 -27.02 29.40
C ALA A 366 14.18 -25.71 29.66
N GLY A 367 14.57 -25.06 30.77
CA GLY A 367 14.16 -23.70 31.04
C GLY A 367 12.71 -23.53 31.45
N GLY A 368 12.28 -22.27 31.39
CA GLY A 368 10.94 -21.89 31.72
C GLY A 368 10.75 -21.37 33.13
N GLU A 369 11.75 -21.51 33.99
CA GLU A 369 11.61 -21.14 35.40
C GLU A 369 12.09 -19.72 35.63
N ARG A 370 11.38 -19.02 36.52
CA ARG A 370 11.82 -17.70 36.96
C ARG A 370 13.10 -17.82 37.77
N GLN A 371 14.07 -16.95 37.49
CA GLN A 371 15.36 -16.94 38.15
C GLN A 371 15.37 -15.91 39.28
N PHE A 372 16.14 -16.22 40.33
CA PHE A 372 16.32 -15.40 41.53
C PHE A 372 15.17 -14.45 41.80
N PRO A 373 13.96 -14.96 42.08
CA PRO A 373 12.81 -14.06 42.27
C PRO A 373 12.96 -13.12 43.45
N ASP A 374 13.66 -13.56 44.50
CA ASP A 374 13.82 -12.70 45.67
C ASP A 374 14.85 -11.59 45.45
N ALA A 375 15.75 -11.73 44.48
CA ALA A 375 16.79 -10.73 44.25
C ALA A 375 16.21 -9.43 43.70
N ALA A 376 15.16 -9.52 42.90
CA ALA A 376 14.47 -8.34 42.37
C ALA A 376 13.01 -8.71 42.22
N PRO A 377 12.25 -8.64 43.32
CA PRO A 377 10.91 -9.25 43.33
C PRO A 377 9.94 -8.66 42.32
N GLY A 378 10.18 -7.45 41.83
CA GLY A 378 9.29 -6.87 40.86
C GLY A 378 9.71 -7.12 39.42
N ALA A 379 10.80 -7.86 39.21
CA ALA A 379 11.36 -8.10 37.89
C ALA A 379 11.30 -9.58 37.57
N TYR A 380 11.20 -9.90 36.27
CA TYR A 380 10.93 -11.26 35.81
C TYR A 380 12.05 -11.73 34.90
N TYR A 381 13.09 -12.29 35.52
CA TYR A 381 14.18 -12.96 34.81
C TYR A 381 13.82 -14.42 34.66
N VAL A 382 13.81 -14.92 33.42
CA VAL A 382 13.39 -16.29 33.17
C VAL A 382 14.43 -16.99 32.31
N ARG A 383 14.55 -18.29 32.49
CA ARG A 383 15.37 -19.05 31.56
C ARG A 383 14.54 -19.39 30.33
N PRO A 384 15.03 -19.10 29.12
CA PRO A 384 14.30 -19.50 27.91
C PRO A 384 13.88 -20.97 27.95
N ALA A 385 12.66 -21.24 27.51
CA ALA A 385 12.11 -22.58 27.52
C ALA A 385 12.34 -23.25 26.17
N LEU A 386 12.66 -24.55 26.21
CA LEU A 386 12.76 -25.42 25.03
C LEU A 386 11.71 -26.50 25.18
N VAL A 387 10.79 -26.59 24.21
CA VAL A 387 9.65 -27.50 24.30
C VAL A 387 9.58 -28.33 23.04
N ARG A 388 9.69 -29.65 23.19
CA ARG A 388 9.52 -30.56 22.06
C ARG A 388 8.04 -30.86 21.88
N MET A 389 7.54 -30.66 20.67
CA MET A 389 6.13 -30.78 20.36
C MET A 389 5.87 -31.89 19.35
N PRO A 390 4.84 -32.71 19.56
CA PRO A 390 4.52 -33.78 18.60
C PRO A 390 3.82 -33.29 17.35
N ALA A 391 3.29 -32.07 17.37
CA ALA A 391 2.57 -31.50 16.24
C ALA A 391 2.50 -30.00 16.46
N GLN A 392 2.20 -29.28 15.37
CA GLN A 392 2.07 -27.83 15.44
C GLN A 392 0.65 -27.48 15.89
N THR A 393 0.44 -27.55 17.20
CA THR A 393 -0.87 -27.36 17.77
C THR A 393 -1.15 -25.86 18.01
N ALA A 394 -2.31 -25.57 18.61
CA ALA A 394 -2.75 -24.19 18.72
C ALA A 394 -1.73 -23.33 19.44
N VAL A 395 -1.13 -23.84 20.52
CA VAL A 395 -0.23 -22.99 21.30
C VAL A 395 1.02 -22.65 20.49
N VAL A 396 1.41 -23.53 19.58
CA VAL A 396 2.58 -23.27 18.75
C VAL A 396 2.26 -22.20 17.69
N ARG A 397 1.05 -22.26 17.13
CA ARG A 397 0.66 -21.33 16.07
C ARG A 397 0.37 -19.94 16.60
N GLU A 398 -0.05 -19.84 17.86
CA GLU A 398 -0.28 -18.55 18.51
C GLU A 398 1.02 -18.13 19.18
N GLU A 399 1.61 -17.04 18.71
CA GLU A 399 2.89 -16.65 19.26
C GLU A 399 2.72 -15.99 20.61
N THR A 400 3.63 -16.32 21.52
CA THR A 400 3.75 -15.69 22.82
C THR A 400 5.04 -14.88 22.81
N PHE A 401 4.98 -13.63 23.25
CA PHE A 401 6.14 -12.73 23.20
C PHE A 401 7.05 -13.04 24.40
N ALA A 402 7.73 -14.18 24.31
CA ALA A 402 8.51 -14.74 25.39
C ALA A 402 9.48 -15.75 24.81
N PRO A 403 10.54 -16.06 25.52
CA PRO A 403 11.52 -17.02 24.99
C PRO A 403 11.02 -18.44 25.19
N ILE A 404 10.30 -18.94 24.18
CA ILE A 404 9.84 -20.31 24.11
C ILE A 404 10.18 -20.81 22.72
N LEU A 405 10.97 -21.88 22.64
CA LEU A 405 11.35 -22.47 21.36
C LEU A 405 10.66 -23.82 21.23
N TYR A 406 9.71 -23.93 20.31
CA TYR A 406 9.02 -25.20 20.07
C TYR A 406 9.76 -26.00 19.01
N VAL A 407 10.02 -27.27 19.29
CA VAL A 407 10.77 -28.12 18.37
C VAL A 407 9.78 -29.08 17.71
N LEU A 408 9.73 -29.04 16.38
CA LEU A 408 8.88 -29.88 15.55
C LEU A 408 9.78 -30.72 14.64
N THR A 409 9.33 -31.92 14.28
CA THR A 409 10.11 -32.77 13.39
C THR A 409 9.42 -32.94 12.03
N TYR A 410 10.22 -33.21 11.01
CA TYR A 410 9.69 -33.39 9.66
C TYR A 410 10.54 -34.42 8.95
N ARG A 411 10.01 -34.91 7.82
CA ARG A 411 10.79 -35.79 6.95
C ARG A 411 11.05 -35.17 5.58
N ASP A 412 10.02 -34.81 4.82
CA ASP A 412 10.19 -34.24 3.50
C ASP A 412 10.31 -32.72 3.58
N LEU A 413 11.17 -32.13 2.74
CA LEU A 413 11.36 -30.69 2.81
C LEU A 413 10.05 -29.94 2.58
N ASP A 414 9.19 -30.44 1.69
CA ASP A 414 7.93 -29.77 1.45
C ASP A 414 7.05 -29.74 2.70
N GLU A 415 7.20 -30.75 3.57
CA GLU A 415 6.51 -30.74 4.87
C GLU A 415 7.07 -29.66 5.79
N ALA A 416 8.40 -29.52 5.83
CA ALA A 416 8.99 -28.44 6.62
C ALA A 416 8.49 -27.08 6.14
N ILE A 417 8.40 -26.90 4.83
CA ILE A 417 7.92 -25.64 4.27
C ILE A 417 6.46 -25.41 4.66
N ARG A 418 5.62 -26.44 4.56
CA ARG A 418 4.24 -26.30 5.02
C ARG A 418 4.18 -25.94 6.49
N LEU A 419 4.97 -26.61 7.33
CA LEU A 419 5.00 -26.27 8.75
C LEU A 419 5.43 -24.83 8.96
N ASN A 420 6.42 -24.36 8.20
CA ASN A 420 6.80 -22.97 8.32
C ASN A 420 5.64 -22.04 8.01
N ASN A 421 4.90 -22.34 6.94
CA ASN A 421 3.94 -21.42 6.34
C ASN A 421 2.57 -21.48 6.99
N GLU A 422 2.30 -22.53 7.78
CA GLU A 422 0.93 -22.78 8.25
C GLU A 422 0.43 -21.75 9.27
N VAL A 423 1.33 -21.00 9.91
CA VAL A 423 0.94 -20.07 10.98
C VAL A 423 0.38 -18.78 10.40
N PRO A 424 -0.33 -17.96 11.19
CA PRO A 424 -0.89 -16.72 10.62
C PRO A 424 0.10 -15.58 10.49
N GLN A 425 1.26 -15.63 11.14
CA GLN A 425 2.28 -14.61 11.00
C GLN A 425 3.22 -14.94 9.83
N GLY A 426 4.01 -13.97 9.40
CA GLY A 426 4.90 -14.23 8.27
C GLY A 426 6.08 -13.29 8.19
N LEU A 427 6.82 -13.14 9.29
CA LEU A 427 7.89 -12.15 9.29
C LEU A 427 9.18 -12.75 8.71
N SER A 428 9.82 -13.67 9.43
CA SER A 428 11.09 -14.21 8.95
C SER A 428 11.15 -15.73 9.05
N ALA A 429 12.04 -16.30 8.25
CA ALA A 429 12.27 -17.75 8.25
C ALA A 429 13.72 -17.99 7.86
N GLY A 430 14.25 -19.13 8.28
CA GLY A 430 15.60 -19.51 7.90
C GLY A 430 15.70 -21.00 7.70
N ILE A 431 16.67 -21.41 6.88
CA ILE A 431 16.96 -22.82 6.67
C ILE A 431 18.45 -23.04 6.86
N PHE A 432 18.79 -24.07 7.62
CA PHE A 432 20.17 -24.46 7.84
C PHE A 432 20.42 -25.74 7.07
N THR A 433 21.31 -25.67 6.09
CA THR A 433 21.53 -26.78 5.17
C THR A 433 22.86 -26.55 4.48
N ALA A 434 23.53 -27.66 4.14
CA ALA A 434 24.67 -27.62 3.24
C ALA A 434 24.27 -27.98 1.82
N ASP A 435 22.99 -28.23 1.57
CA ASP A 435 22.53 -28.73 0.29
C ASP A 435 22.05 -27.56 -0.56
N GLN A 436 22.66 -27.42 -1.74
CA GLN A 436 22.36 -26.31 -2.63
C GLN A 436 20.89 -26.28 -3.03
N SER A 437 20.32 -27.45 -3.34
CA SER A 437 18.94 -27.48 -3.81
C SER A 437 17.95 -27.16 -2.68
N GLU A 438 18.23 -27.63 -1.46
CA GLU A 438 17.30 -27.31 -0.37
C GLU A 438 17.29 -25.82 -0.09
N ALA A 439 18.47 -25.19 -0.08
CA ALA A 439 18.53 -23.76 0.17
C ALA A 439 17.68 -23.01 -0.86
N GLU A 440 17.81 -23.39 -2.14
CA GLU A 440 17.07 -22.66 -3.17
C GLU A 440 15.57 -22.99 -3.10
N ARG A 441 15.23 -24.24 -2.80
CA ARG A 441 13.81 -24.59 -2.67
C ARG A 441 13.14 -23.79 -1.56
N PHE A 442 13.86 -23.54 -0.46
CA PHE A 442 13.29 -22.80 0.66
C PHE A 442 12.99 -21.36 0.28
N LEU A 443 13.79 -20.79 -0.62
CA LEU A 443 13.64 -19.39 -1.03
C LEU A 443 12.76 -19.22 -2.26
N ALA A 444 12.36 -20.32 -2.90
CA ALA A 444 11.60 -20.30 -4.14
C ALA A 444 10.16 -19.80 -3.92
N PRO A 445 9.43 -19.52 -4.99
CA PRO A 445 8.05 -19.02 -4.82
C PRO A 445 7.14 -19.95 -4.04
N ASP A 446 7.34 -21.26 -4.12
CA ASP A 446 6.58 -22.21 -3.32
C ASP A 446 7.31 -22.63 -2.06
N GLY A 447 8.27 -21.84 -1.62
CA GLY A 447 9.05 -22.06 -0.41
C GLY A 447 8.46 -21.32 0.77
N ALA A 448 9.34 -20.87 1.67
CA ALA A 448 8.90 -20.07 2.80
C ALA A 448 8.20 -18.81 2.32
N ASP A 449 7.07 -18.48 2.98
CA ASP A 449 6.16 -17.42 2.57
C ASP A 449 6.43 -16.09 3.27
N CYS A 450 7.53 -15.98 3.99
CA CYS A 450 7.75 -14.84 4.87
C CYS A 450 8.41 -13.66 4.14
N GLY A 451 8.34 -12.49 4.78
CA GLY A 451 8.98 -11.31 4.23
C GLY A 451 10.50 -11.38 4.23
N ILE A 452 11.06 -12.16 5.14
CA ILE A 452 12.50 -12.39 5.24
C ILE A 452 12.71 -13.90 5.19
N ALA A 453 13.57 -14.37 4.30
CA ALA A 453 13.82 -15.81 4.18
C ALA A 453 15.30 -16.01 3.94
N ASN A 454 15.97 -16.67 4.89
CA ASN A 454 17.43 -16.70 4.96
C ASN A 454 17.96 -18.12 4.85
N VAL A 455 19.24 -18.22 4.51
CA VAL A 455 19.94 -19.51 4.42
C VAL A 455 21.16 -19.45 5.34
N ASN A 456 21.21 -20.39 6.29
CA ASN A 456 22.34 -20.55 7.22
C ASN A 456 22.59 -19.32 8.09
N ILE A 457 21.54 -18.53 8.29
CA ILE A 457 21.52 -17.47 9.29
C ILE A 457 20.09 -17.43 9.82
N GLY A 458 19.95 -17.09 11.10
CA GLY A 458 18.67 -17.22 11.77
C GLY A 458 17.65 -16.15 11.41
N THR A 459 16.57 -16.14 12.18
CA THR A 459 15.40 -15.33 11.87
C THR A 459 15.60 -13.85 12.16
N SER A 460 16.64 -13.47 12.89
CA SER A 460 16.98 -12.06 13.10
C SER A 460 17.98 -11.56 12.07
N GLY A 461 18.31 -12.37 11.06
CA GLY A 461 19.24 -11.97 10.01
C GLY A 461 18.63 -10.96 9.07
N ALA A 462 18.83 -9.68 9.39
CA ALA A 462 18.35 -8.57 8.58
C ALA A 462 19.29 -7.40 8.82
N GLU A 463 19.26 -6.42 7.91
CA GLU A 463 20.18 -5.28 8.02
C GLU A 463 19.57 -4.07 7.32
N ILE A 464 20.20 -2.92 7.58
CA ILE A 464 19.67 -1.62 7.18
C ILE A 464 19.32 -1.59 5.69
N GLY A 465 20.17 -2.18 4.86
CA GLY A 465 19.99 -2.08 3.41
C GLY A 465 18.82 -2.86 2.85
N GLY A 466 18.26 -3.78 3.61
CA GLY A 466 17.11 -4.55 3.16
C GLY A 466 15.80 -3.94 3.64
N ALA A 467 14.74 -4.17 2.88
CA ALA A 467 13.40 -3.84 3.34
C ALA A 467 13.04 -4.79 4.47
N PHE A 468 12.56 -4.25 5.59
CA PHE A 468 12.24 -5.01 6.78
C PHE A 468 10.72 -5.06 6.98
N GLY A 469 10.18 -6.26 7.11
CA GLY A 469 8.76 -6.43 7.35
C GLY A 469 8.32 -7.79 6.85
N GLY A 470 7.04 -8.06 7.03
CA GLY A 470 6.55 -9.38 6.66
C GLY A 470 5.14 -9.42 6.11
N GLU A 471 4.62 -10.63 5.96
CA GLU A 471 3.38 -10.91 5.25
C GLU A 471 2.32 -11.42 6.22
N LYS A 472 1.12 -11.67 5.69
CA LYS A 472 0.01 -12.26 6.46
C LYS A 472 -0.29 -11.37 7.67
N GLU A 473 -0.47 -11.93 8.87
CA GLU A 473 -0.82 -11.09 10.02
C GLU A 473 0.34 -10.27 10.55
N THR A 474 1.55 -10.42 10.00
CA THR A 474 2.61 -9.45 10.29
C THR A 474 2.27 -8.07 9.74
N GLY A 475 1.47 -7.97 8.68
CA GLY A 475 0.85 -6.71 8.32
C GLY A 475 1.23 -6.13 6.98
N GLY A 476 2.27 -6.65 6.31
CA GLY A 476 2.55 -6.26 4.95
C GLY A 476 3.48 -5.08 4.76
N GLY A 477 3.76 -4.29 5.81
CA GLY A 477 4.56 -3.11 5.63
C GLY A 477 6.05 -3.42 5.47
N ARG A 478 6.79 -2.45 4.93
CA ARG A 478 8.25 -2.53 4.85
C ARG A 478 8.88 -1.22 5.34
N GLU A 479 9.97 -1.34 6.08
CA GLU A 479 10.71 -0.19 6.59
C GLU A 479 12.19 -0.33 6.27
N SER A 480 12.92 0.76 6.49
CA SER A 480 14.38 0.82 6.38
C SER A 480 14.86 0.83 4.94
N GLY A 481 15.33 -0.30 4.41
CA GLY A 481 16.13 -0.32 3.20
C GLY A 481 15.37 -0.53 1.90
N SER A 482 16.15 -0.88 0.87
CA SER A 482 15.67 -0.94 -0.51
C SER A 482 14.87 0.33 -0.81
N ASP A 483 13.73 0.21 -1.49
CA ASP A 483 12.91 1.38 -1.77
C ASP A 483 11.71 1.49 -0.83
N ALA A 484 11.89 1.08 0.42
CA ALA A 484 10.84 1.27 1.42
C ALA A 484 10.45 2.74 1.54
N TRP A 485 11.36 3.67 1.20
CA TRP A 485 11.07 5.10 1.30
C TRP A 485 9.83 5.51 0.48
N ARG A 486 9.46 4.73 -0.54
CA ARG A 486 8.34 5.16 -1.39
C ARG A 486 7.04 5.23 -0.62
N ALA A 487 6.91 4.46 0.47
CA ALA A 487 5.70 4.56 1.28
C ALA A 487 5.60 5.90 1.98
N TYR A 488 6.67 6.68 2.01
CA TYR A 488 6.66 7.96 2.69
C TYR A 488 6.43 9.13 1.74
N MET A 489 6.15 8.84 0.47
CA MET A 489 5.99 9.89 -0.52
C MET A 489 4.80 9.53 -1.40
N ARG A 490 4.36 10.49 -2.21
CA ARG A 490 3.30 10.22 -3.17
C ARG A 490 3.83 10.31 -4.58
N ARG A 491 3.40 9.35 -5.41
CA ARG A 491 3.80 9.27 -6.80
C ARG A 491 2.94 10.21 -7.64
N ALA A 492 3.57 10.90 -8.58
CA ALA A 492 2.84 11.68 -9.58
C ALA A 492 3.31 11.25 -10.96
N THR A 493 2.36 11.09 -11.88
CA THR A 493 2.64 10.80 -13.28
C THR A 493 2.36 12.05 -14.08
N ASN A 494 3.37 12.57 -14.79
CA ASN A 494 3.28 13.88 -15.43
C ASN A 494 3.43 13.72 -16.94
N THR A 495 2.41 14.12 -17.68
CA THR A 495 2.53 14.25 -19.14
C THR A 495 2.66 15.72 -19.49
N VAL A 496 3.69 16.05 -20.26
CA VAL A 496 3.97 17.44 -20.61
C VAL A 496 3.86 17.56 -22.12
N ASN A 497 2.92 18.37 -22.57
CA ASN A 497 2.73 18.62 -24.00
C ASN A 497 3.51 19.87 -24.39
N TYR A 498 4.45 19.74 -25.33
CA TYR A 498 5.13 20.90 -25.87
C TYR A 498 4.85 21.10 -27.36
N SER A 499 3.87 20.37 -27.90
CA SER A 499 3.55 20.40 -29.32
C SER A 499 2.59 21.51 -29.71
N GLY A 500 1.92 22.12 -28.74
CA GLY A 500 0.94 23.14 -29.03
C GLY A 500 -0.36 22.62 -29.60
N ARG A 501 -0.56 21.30 -29.59
CA ARG A 501 -1.71 20.68 -30.23
C ARG A 501 -2.28 19.59 -29.33
N VAL A 502 -3.56 19.29 -29.54
CA VAL A 502 -4.26 18.22 -28.85
C VAL A 502 -4.99 17.39 -29.89
N THR A 503 -5.14 16.10 -29.60
CA THR A 503 -5.98 15.24 -30.43
C THR A 503 -7.40 15.78 -30.45
N LEU A 504 -7.97 15.91 -31.64
CA LEU A 504 -9.30 16.45 -31.79
C LEU A 504 -10.31 15.31 -31.77
N ALA A 505 -11.26 15.38 -30.83
CA ALA A 505 -12.23 14.31 -30.69
C ALA A 505 -13.11 14.24 -31.91
N GLN A 506 -13.14 13.07 -32.54
CA GLN A 506 -13.88 12.83 -33.78
C GLN A 506 -13.41 13.74 -34.91
N GLY A 507 -12.19 14.26 -34.79
CA GLY A 507 -11.63 15.19 -35.76
C GLY A 507 -12.19 16.59 -35.73
N VAL A 508 -13.06 16.92 -34.78
CA VAL A 508 -13.76 18.21 -34.75
C VAL A 508 -12.88 19.24 -34.05
N ASP A 509 -12.68 20.39 -34.69
CA ASP A 509 -12.00 21.53 -34.07
C ASP A 509 -13.04 22.52 -33.59
N PHE A 510 -13.17 22.67 -32.27
CA PHE A 510 -14.18 23.53 -31.67
C PHE A 510 -13.72 24.99 -31.56
N SER A 511 -12.71 25.38 -32.32
CA SER A 511 -12.21 26.75 -32.24
C SER A 511 -12.28 27.48 -33.58
N ILE B 6 -32.03 6.64 -33.64
CA ILE B 6 -31.34 5.81 -32.64
C ILE B 6 -31.51 4.33 -32.98
N SER B 7 -30.41 3.58 -32.88
CA SER B 7 -30.42 2.14 -33.14
C SER B 7 -31.55 1.48 -32.37
N GLY B 8 -32.22 0.52 -33.02
CA GLY B 8 -33.31 -0.18 -32.37
C GLY B 8 -32.82 -1.23 -31.40
N THR B 9 -33.66 -1.52 -30.40
CA THR B 9 -33.31 -2.51 -29.39
C THR B 9 -33.14 -3.89 -30.00
N ASP B 10 -34.00 -4.26 -30.95
CA ASP B 10 -33.83 -5.56 -31.60
C ASP B 10 -32.51 -5.64 -32.34
N GLU B 11 -32.15 -4.59 -33.08
CA GLU B 11 -30.87 -4.54 -33.75
C GLU B 11 -29.72 -4.63 -32.77
N ILE B 12 -29.83 -3.93 -31.63
CA ILE B 12 -28.76 -3.94 -30.64
C ILE B 12 -28.61 -5.33 -30.03
N ARG B 13 -29.74 -5.97 -29.72
CA ARG B 13 -29.70 -7.30 -29.12
C ARG B 13 -29.02 -8.30 -30.07
N ALA B 14 -29.34 -8.22 -31.37
CA ALA B 14 -28.74 -9.13 -32.33
C ALA B 14 -27.24 -8.89 -32.48
N ARG B 15 -26.82 -7.62 -32.48
CA ARG B 15 -25.40 -7.29 -32.51
C ARG B 15 -24.68 -7.86 -31.29
N ALA B 16 -25.30 -7.74 -30.11
CA ALA B 16 -24.69 -8.25 -28.88
C ALA B 16 -24.55 -9.77 -28.92
N GLU B 17 -25.60 -10.47 -29.33
CA GLU B 17 -25.51 -11.93 -29.40
C GLU B 17 -24.46 -12.38 -30.41
N GLN B 18 -24.37 -11.67 -31.54
CA GLN B 18 -23.36 -12.00 -32.54
C GLN B 18 -21.95 -11.80 -31.99
N ALA B 19 -21.71 -10.66 -31.34
CA ALA B 19 -20.38 -10.41 -30.78
C ALA B 19 -20.03 -11.43 -29.71
N LEU B 20 -20.99 -11.76 -28.83
CA LEU B 20 -20.76 -12.75 -27.80
C LEU B 20 -20.40 -14.10 -28.40
N THR B 21 -21.18 -14.56 -29.37
CA THR B 21 -20.90 -15.84 -30.03
C THR B 21 -19.52 -15.84 -30.69
N ARG B 22 -19.19 -14.74 -31.38
CA ARG B 22 -17.90 -14.68 -32.06
C ARG B 22 -16.74 -14.70 -31.07
N CYS B 23 -16.93 -14.14 -29.89
CA CYS B 23 -15.91 -14.19 -28.86
C CYS B 23 -15.89 -15.49 -28.09
N GLY B 24 -16.71 -16.47 -28.47
CA GLY B 24 -16.67 -17.78 -27.87
C GLY B 24 -17.62 -17.99 -26.71
N VAL B 25 -18.54 -17.08 -26.46
CA VAL B 25 -19.51 -17.24 -25.39
C VAL B 25 -20.58 -18.24 -25.84
N ASP B 26 -20.94 -19.15 -24.94
CA ASP B 26 -22.04 -20.09 -25.17
C ASP B 26 -23.31 -19.45 -24.64
N LEU B 27 -24.12 -18.91 -25.54
CA LEU B 27 -25.27 -18.11 -25.13
C LEU B 27 -26.24 -18.94 -24.28
N THR B 28 -26.44 -20.20 -24.63
CA THR B 28 -27.37 -21.03 -23.84
C THR B 28 -26.88 -21.19 -22.41
N ALA B 29 -25.56 -21.28 -22.23
CA ALA B 29 -25.01 -21.55 -20.90
C ALA B 29 -25.05 -20.31 -19.99
N VAL B 30 -25.03 -19.10 -20.55
CA VAL B 30 -25.02 -17.90 -19.71
C VAL B 30 -26.39 -17.27 -19.55
N LYS B 31 -27.35 -17.58 -20.42
CA LYS B 31 -28.68 -16.99 -20.29
C LYS B 31 -29.41 -17.57 -19.09
N GLY B 32 -30.37 -16.80 -18.59
CA GLY B 32 -31.07 -17.19 -17.37
C GLY B 32 -32.13 -16.18 -17.01
N ASP B 33 -32.52 -16.18 -15.74
CA ASP B 33 -33.62 -15.35 -15.25
C ASP B 33 -33.24 -14.45 -14.07
N ALA B 34 -31.99 -14.46 -13.63
CA ALA B 34 -31.66 -13.81 -12.36
C ALA B 34 -31.22 -12.36 -12.54
N LEU B 35 -30.48 -12.07 -13.60
CA LEU B 35 -30.01 -10.74 -13.93
C LEU B 35 -30.49 -10.41 -15.34
N THR B 36 -30.39 -9.15 -15.72
CA THR B 36 -30.68 -8.79 -17.11
C THR B 36 -29.58 -7.89 -17.66
N ALA B 37 -29.09 -8.24 -18.85
CA ALA B 37 -28.26 -7.33 -19.61
C ALA B 37 -29.12 -6.22 -20.17
N ARG B 38 -28.54 -5.04 -20.34
CA ARG B 38 -29.28 -3.86 -20.74
C ARG B 38 -28.42 -3.02 -21.66
N THR B 39 -29.03 -2.00 -22.26
CA THR B 39 -28.25 -1.04 -23.06
C THR B 39 -28.69 0.39 -22.75
N PRO B 40 -27.75 1.29 -22.44
CA PRO B 40 -28.12 2.71 -22.29
C PRO B 40 -28.53 3.38 -23.59
N LEU B 41 -28.33 2.74 -24.74
CA LEU B 41 -28.68 3.35 -26.01
C LEU B 41 -30.18 3.59 -26.10
N THR B 42 -30.97 2.64 -25.58
CA THR B 42 -32.42 2.75 -25.55
C THR B 42 -32.99 2.56 -24.16
N GLY B 43 -32.17 2.18 -23.18
CA GLY B 43 -32.64 1.83 -21.85
C GLY B 43 -33.23 0.46 -21.73
N ALA B 44 -33.35 -0.28 -22.84
CA ALA B 44 -34.08 -1.53 -22.84
C ALA B 44 -33.25 -2.68 -22.27
N ASP B 45 -33.96 -3.64 -21.69
CA ASP B 45 -33.33 -4.91 -21.33
C ASP B 45 -33.04 -5.72 -22.59
N LEU B 46 -31.86 -6.33 -22.64
CA LEU B 46 -31.48 -7.15 -23.79
C LEU B 46 -31.95 -8.59 -23.64
N PHE B 47 -31.45 -9.28 -22.61
CA PHE B 47 -31.93 -10.62 -22.28
C PHE B 47 -31.45 -10.98 -20.89
N GLY B 48 -32.06 -12.02 -20.33
CA GLY B 48 -31.75 -12.43 -18.97
C GLY B 48 -30.53 -13.32 -18.88
N LEU B 49 -29.88 -13.26 -17.72
CA LEU B 49 -28.64 -13.97 -17.47
C LEU B 49 -28.74 -14.78 -16.19
N ARG B 50 -28.03 -15.91 -16.17
CA ARG B 50 -27.76 -16.59 -14.90
C ARG B 50 -26.94 -15.69 -13.99
N ALA B 51 -27.16 -15.85 -12.69
CA ALA B 51 -26.34 -15.18 -11.69
C ALA B 51 -25.60 -16.20 -10.85
N GLN B 52 -24.51 -15.73 -10.26
CA GLN B 52 -23.79 -16.51 -9.28
C GLN B 52 -24.29 -16.18 -7.89
N THR B 53 -24.18 -17.15 -7.01
CA THR B 53 -24.48 -17.03 -5.60
C THR B 53 -23.20 -16.77 -4.83
N PRO B 54 -23.30 -16.29 -3.58
CA PRO B 54 -22.08 -16.24 -2.75
C PRO B 54 -21.34 -17.58 -2.61
N GLU B 55 -22.03 -18.73 -2.52
CA GLU B 55 -21.29 -20.00 -2.56
C GLU B 55 -20.59 -20.21 -3.88
N ASP B 56 -21.17 -19.74 -4.99
CA ASP B 56 -20.45 -19.80 -6.25
C ASP B 56 -19.16 -19.02 -6.16
N VAL B 57 -19.18 -17.86 -5.49
CA VAL B 57 -17.96 -17.08 -5.33
C VAL B 57 -16.91 -17.88 -4.57
N ASP B 58 -17.33 -18.51 -3.46
CA ASP B 58 -16.40 -19.34 -2.71
C ASP B 58 -15.84 -20.47 -3.57
N ARG B 59 -16.68 -21.09 -4.40
CA ARG B 59 -16.18 -22.14 -5.30
C ARG B 59 -15.21 -21.57 -6.32
N ALA B 60 -15.50 -20.37 -6.84
CA ALA B 60 -14.61 -19.76 -7.82
C ALA B 60 -13.27 -19.40 -7.19
N VAL B 61 -13.28 -18.93 -5.95
CA VAL B 61 -12.01 -18.61 -5.29
C VAL B 61 -11.21 -19.89 -5.09
N GLU B 62 -11.89 -20.98 -4.70
CA GLU B 62 -11.22 -22.26 -4.52
C GLU B 62 -10.56 -22.71 -5.82
N ALA B 63 -11.28 -22.59 -6.93
CA ALA B 63 -10.73 -22.99 -8.23
C ALA B 63 -9.57 -22.08 -8.63
N ALA B 64 -9.69 -20.79 -8.38
CA ALA B 64 -8.58 -19.86 -8.67
C ALA B 64 -7.36 -20.17 -7.80
N HIS B 65 -7.59 -20.51 -6.53
CA HIS B 65 -6.45 -20.80 -5.68
C HIS B 65 -5.75 -22.09 -6.11
N THR B 66 -6.51 -23.11 -6.47
CA THR B 66 -5.91 -24.33 -6.97
C THR B 66 -5.10 -24.06 -8.23
N ALA B 67 -5.63 -23.25 -9.14
CA ALA B 67 -4.87 -22.86 -10.32
C ALA B 67 -3.59 -22.14 -9.92
N PHE B 68 -3.68 -21.24 -8.94
CA PHE B 68 -2.53 -20.47 -8.48
C PHE B 68 -1.39 -21.37 -8.01
N LEU B 69 -1.72 -22.48 -7.34
CA LEU B 69 -0.65 -23.35 -6.85
C LEU B 69 0.21 -23.90 -7.99
N THR B 70 -0.36 -24.05 -9.18
CA THR B 70 0.41 -24.46 -10.35
C THR B 70 1.03 -23.26 -11.06
N TRP B 71 0.28 -22.19 -11.20
CA TRP B 71 0.72 -21.04 -11.98
C TRP B 71 1.91 -20.35 -11.33
N ARG B 72 1.97 -20.33 -10.00
CA ARG B 72 3.01 -19.59 -9.32
C ARG B 72 4.40 -20.18 -9.53
N THR B 73 4.52 -21.45 -9.91
CA THR B 73 5.81 -22.02 -10.27
C THR B 73 5.98 -22.16 -11.78
N THR B 74 5.01 -21.70 -12.58
CA THR B 74 5.19 -21.65 -14.02
C THR B 74 6.08 -20.46 -14.34
N PRO B 75 7.20 -20.65 -15.04
CA PRO B 75 8.14 -19.52 -15.25
C PRO B 75 7.42 -18.29 -15.80
N ALA B 76 7.77 -17.11 -15.27
CA ALA B 76 7.06 -15.91 -15.71
C ALA B 76 7.11 -15.71 -17.23
N PRO B 77 8.21 -15.95 -17.94
CA PRO B 77 8.15 -15.83 -19.41
C PRO B 77 7.14 -16.78 -20.05
N VAL B 78 6.91 -17.95 -19.47
CA VAL B 78 5.85 -18.83 -19.97
C VAL B 78 4.47 -18.24 -19.66
N ARG B 79 4.29 -17.66 -18.48
CA ARG B 79 3.06 -16.96 -18.19
C ARG B 79 2.85 -15.79 -19.16
N GLY B 80 3.94 -15.11 -19.53
CA GLY B 80 3.84 -14.07 -20.54
C GLY B 80 3.38 -14.58 -21.90
N ALA B 81 3.76 -15.81 -22.26
CA ALA B 81 3.31 -16.36 -23.54
C ALA B 81 1.80 -16.49 -23.59
N LEU B 82 1.17 -16.80 -22.46
CA LEU B 82 -0.28 -16.84 -22.42
C LEU B 82 -0.86 -15.48 -22.69
N VAL B 83 -0.31 -14.45 -22.04
CA VAL B 83 -0.81 -13.09 -22.19
C VAL B 83 -0.57 -12.59 -23.60
N LYS B 84 0.56 -12.99 -24.22
CA LYS B 84 0.81 -12.66 -25.62
C LYS B 84 -0.29 -13.23 -26.51
N ARG B 85 -0.65 -14.49 -26.28
CA ARG B 85 -1.71 -15.13 -27.06
C ARG B 85 -3.07 -14.45 -26.84
N PHE B 86 -3.37 -14.09 -25.58
CA PHE B 86 -4.59 -13.36 -25.31
C PHE B 86 -4.63 -12.05 -26.09
N GLY B 87 -3.50 -11.32 -26.12
CA GLY B 87 -3.47 -10.08 -26.88
C GLY B 87 -3.74 -10.30 -28.36
N GLU B 88 -3.27 -11.42 -28.91
CA GLU B 88 -3.53 -11.75 -30.31
C GLU B 88 -5.02 -11.99 -30.55
N LEU B 89 -5.68 -12.69 -29.63
CA LEU B 89 -7.12 -12.93 -29.73
C LEU B 89 -7.92 -11.64 -29.57
N LEU B 90 -7.47 -10.74 -28.69
CA LEU B 90 -8.13 -9.44 -28.56
C LEU B 90 -7.99 -8.64 -29.84
N THR B 91 -6.80 -8.67 -30.46
CA THR B 91 -6.62 -8.01 -31.74
C THR B 91 -7.57 -8.57 -32.79
N GLU B 92 -7.70 -9.89 -32.85
CA GLU B 92 -8.58 -10.55 -33.81
C GLU B 92 -10.04 -10.18 -33.59
N HIS B 93 -10.46 -9.98 -32.34
CA HIS B 93 -11.86 -9.71 -32.03
C HIS B 93 -12.09 -8.30 -31.53
N LYS B 94 -11.22 -7.36 -31.90
CA LYS B 94 -11.29 -5.99 -31.39
C LYS B 94 -12.64 -5.35 -31.70
N GLN B 95 -13.14 -5.50 -32.93
CA GLN B 95 -14.41 -4.87 -33.30
C GLN B 95 -15.59 -5.50 -32.57
N ASP B 96 -15.59 -6.82 -32.39
CA ASP B 96 -16.64 -7.51 -31.67
C ASP B 96 -16.70 -7.04 -30.22
N LEU B 97 -15.56 -7.02 -29.54
CA LEU B 97 -15.54 -6.55 -28.16
C LEU B 97 -15.94 -5.07 -28.07
N ALA B 98 -15.46 -4.25 -29.02
CA ALA B 98 -15.80 -2.82 -28.98
C ALA B 98 -17.31 -2.62 -29.13
N ASP B 99 -17.96 -3.44 -29.96
CA ASP B 99 -19.42 -3.36 -30.09
C ASP B 99 -20.10 -3.58 -28.75
N LEU B 100 -19.63 -4.59 -27.98
CA LEU B 100 -20.22 -4.85 -26.67
C LEU B 100 -19.96 -3.69 -25.71
N VAL B 101 -18.79 -3.05 -25.81
CA VAL B 101 -18.50 -1.92 -24.95
C VAL B 101 -19.45 -0.76 -25.26
N THR B 102 -19.67 -0.48 -26.55
CA THR B 102 -20.64 0.57 -26.90
C THR B 102 -22.03 0.20 -26.41
N ILE B 103 -22.44 -1.06 -26.59
CA ILE B 103 -23.81 -1.44 -26.26
C ILE B 103 -24.07 -1.33 -24.77
N GLU B 104 -23.11 -1.76 -23.94
CA GLU B 104 -23.34 -1.78 -22.49
C GLU B 104 -22.96 -0.49 -21.78
N ALA B 105 -21.87 0.15 -22.18
CA ALA B 105 -21.42 1.36 -21.52
C ALA B 105 -21.93 2.62 -22.19
N GLY B 106 -22.39 2.52 -23.44
CA GLY B 106 -22.91 3.67 -24.14
C GLY B 106 -21.87 4.56 -24.75
N LYS B 107 -20.60 4.17 -24.75
CA LYS B 107 -19.58 5.08 -25.25
C LYS B 107 -19.47 4.95 -26.76
N ILE B 108 -19.05 6.04 -27.39
CA ILE B 108 -18.98 6.08 -28.85
C ILE B 108 -17.96 5.06 -29.36
N ARG B 109 -18.13 4.65 -30.61
CA ARG B 109 -17.37 3.49 -31.10
C ARG B 109 -15.87 3.76 -31.09
N SER B 110 -15.45 4.99 -31.39
CA SER B 110 -14.03 5.27 -31.40
C SER B 110 -13.43 5.08 -30.00
N GLU B 111 -14.19 5.46 -28.96
CA GLU B 111 -13.70 5.25 -27.61
C GLU B 111 -13.76 3.78 -27.21
N ALA B 112 -14.77 3.05 -27.69
CA ALA B 112 -14.85 1.62 -27.44
C ALA B 112 -13.69 0.89 -28.06
N LEU B 113 -13.34 1.24 -29.29
CA LEU B 113 -12.16 0.66 -29.92
C LEU B 113 -10.89 1.03 -29.16
N GLY B 114 -10.78 2.30 -28.74
CA GLY B 114 -9.63 2.70 -27.96
C GLY B 114 -9.50 1.92 -26.66
N GLU B 115 -10.63 1.64 -26.01
CA GLU B 115 -10.57 0.88 -24.76
C GLU B 115 -10.10 -0.56 -25.01
N VAL B 116 -10.56 -1.18 -26.09
CA VAL B 116 -10.07 -2.52 -26.41
C VAL B 116 -8.58 -2.46 -26.75
N GLN B 117 -8.14 -1.40 -27.45
CA GLN B 117 -6.73 -1.27 -27.75
C GLN B 117 -5.89 -1.11 -26.47
N GLU B 118 -6.43 -0.43 -25.45
CA GLU B 118 -5.74 -0.39 -24.16
C GLU B 118 -5.47 -1.80 -23.64
N MET B 119 -6.43 -2.71 -23.81
CA MET B 119 -6.23 -4.09 -23.39
C MET B 119 -5.06 -4.72 -24.13
N ILE B 120 -5.01 -4.54 -25.46
CA ILE B 120 -3.95 -5.13 -26.27
C ILE B 120 -2.60 -4.56 -25.86
N ASP B 121 -2.55 -3.24 -25.62
CA ASP B 121 -1.30 -2.59 -25.25
C ASP B 121 -0.81 -3.06 -23.88
N ILE B 122 -1.70 -3.23 -22.90
CA ILE B 122 -1.19 -3.71 -21.61
C ILE B 122 -0.75 -5.16 -21.74
N CYS B 123 -1.37 -5.94 -22.64
CA CYS B 123 -0.86 -7.29 -22.88
C CYS B 123 0.59 -7.24 -23.35
N ASP B 124 0.87 -6.39 -24.35
CA ASP B 124 2.24 -6.27 -24.86
C ASP B 124 3.20 -5.80 -23.77
N PHE B 125 2.77 -4.84 -22.95
CA PHE B 125 3.61 -4.36 -21.85
C PHE B 125 3.88 -5.47 -20.85
N ALA B 126 2.84 -6.24 -20.51
CA ALA B 126 2.99 -7.32 -19.55
C ALA B 126 3.90 -8.43 -20.09
N VAL B 127 3.88 -8.67 -21.40
CA VAL B 127 4.82 -9.65 -21.95
C VAL B 127 6.26 -9.20 -21.71
N GLY B 128 6.52 -7.89 -21.84
CA GLY B 128 7.84 -7.38 -21.47
C GLY B 128 8.13 -7.56 -20.00
N LEU B 129 7.15 -7.21 -19.15
CA LEU B 129 7.33 -7.35 -17.71
C LEU B 129 7.68 -8.78 -17.31
N SER B 130 7.21 -9.76 -18.09
CA SER B 130 7.35 -11.16 -17.69
C SER B 130 8.81 -11.60 -17.66
N ARG B 131 9.70 -10.84 -18.29
CA ARG B 131 11.12 -11.11 -18.19
C ARG B 131 11.83 -10.16 -17.26
N GLN B 132 11.08 -9.34 -16.52
CA GLN B 132 11.67 -8.33 -15.65
C GLN B 132 11.29 -8.56 -14.19
N LEU B 133 10.09 -8.12 -13.79
CA LEU B 133 9.61 -8.24 -12.41
C LEU B 133 10.75 -8.04 -11.40
N TYR B 134 11.47 -6.93 -11.57
CA TYR B 134 12.81 -6.83 -10.98
C TYR B 134 12.78 -6.67 -9.47
N GLY B 135 13.52 -7.53 -8.79
CA GLY B 135 14.04 -7.26 -7.46
C GLY B 135 15.45 -6.70 -7.56
N ARG B 136 16.20 -6.85 -6.47
CA ARG B 136 17.52 -6.27 -6.38
C ARG B 136 18.51 -7.27 -5.80
N THR B 137 19.77 -7.05 -6.12
CA THR B 137 20.87 -7.63 -5.38
C THR B 137 21.65 -6.45 -4.82
N MET B 138 22.23 -6.62 -3.64
CA MET B 138 22.86 -5.50 -2.96
C MET B 138 23.86 -6.05 -1.95
N PRO B 139 24.82 -5.24 -1.53
CA PRO B 139 25.82 -5.73 -0.58
C PRO B 139 25.20 -5.99 0.78
N THR B 140 25.81 -6.92 1.50
CA THR B 140 25.51 -7.14 2.90
C THR B 140 26.70 -6.69 3.74
N GLU B 141 26.40 -6.21 4.94
CA GLU B 141 27.46 -5.85 5.89
C GLU B 141 28.18 -7.07 6.47
N ARG B 142 27.67 -8.27 6.24
CA ARG B 142 28.21 -9.48 6.85
C ARG B 142 29.24 -10.13 5.93
N PRO B 143 30.48 -10.35 6.39
CA PRO B 143 31.46 -11.05 5.55
C PRO B 143 30.97 -12.45 5.17
N GLY B 144 31.21 -12.84 3.93
CA GLY B 144 30.88 -14.19 3.54
C GLY B 144 29.39 -14.47 3.45
N HIS B 145 28.59 -13.44 3.29
CA HIS B 145 27.15 -13.54 3.05
C HIS B 145 26.81 -12.83 1.76
N ARG B 146 25.61 -13.09 1.25
CA ARG B 146 25.04 -12.42 0.09
C ARG B 146 23.62 -11.98 0.44
N LEU B 147 23.16 -10.89 -0.17
CA LEU B 147 21.85 -10.33 0.12
C LEU B 147 21.11 -10.02 -1.18
N MET B 148 19.82 -10.33 -1.20
CA MET B 148 19.02 -9.99 -2.37
C MET B 148 17.59 -9.74 -1.95
N GLU B 149 16.84 -9.14 -2.86
CA GLU B 149 15.42 -8.94 -2.71
C GLU B 149 14.74 -9.60 -3.89
N THR B 150 13.79 -10.49 -3.61
CA THR B 150 13.09 -11.19 -4.67
C THR B 150 11.60 -10.91 -4.57
N TRP B 151 10.90 -11.13 -5.68
CA TRP B 151 9.46 -10.91 -5.75
C TRP B 151 8.76 -12.20 -6.14
N HIS B 152 7.66 -12.51 -5.45
CA HIS B 152 6.98 -13.79 -5.64
C HIS B 152 5.50 -13.61 -5.89
N PRO B 153 4.88 -14.53 -6.64
CA PRO B 153 3.42 -14.49 -6.82
C PRO B 153 2.68 -14.43 -5.49
N LEU B 154 1.60 -13.66 -5.47
CA LEU B 154 0.86 -13.38 -4.24
C LEU B 154 -0.28 -14.36 -4.00
N GLY B 155 -1.13 -14.57 -5.00
CA GLY B 155 -2.28 -15.47 -4.84
C GLY B 155 -3.45 -15.02 -5.71
N VAL B 156 -4.66 -15.25 -5.21
CA VAL B 156 -5.85 -14.90 -5.96
C VAL B 156 -6.13 -13.41 -5.82
N VAL B 157 -6.37 -12.76 -6.96
CA VAL B 157 -6.63 -11.32 -7.02
C VAL B 157 -8.11 -11.12 -7.33
N GLY B 158 -8.81 -10.42 -6.46
CA GLY B 158 -10.20 -10.07 -6.71
C GLY B 158 -10.25 -8.74 -7.43
N VAL B 159 -10.93 -8.72 -8.57
CA VAL B 159 -11.04 -7.52 -9.40
C VAL B 159 -12.49 -7.09 -9.42
N ILE B 160 -12.76 -5.87 -8.97
CA ILE B 160 -14.08 -5.23 -9.02
C ILE B 160 -13.98 -4.05 -9.97
N SER B 161 -14.72 -4.10 -11.07
CA SER B 161 -14.66 -3.04 -12.07
C SER B 161 -16.01 -2.35 -12.19
N ALA B 162 -16.01 -1.21 -12.88
CA ALA B 162 -17.17 -0.33 -13.02
C ALA B 162 -17.74 -0.42 -14.43
N PHE B 163 -18.88 0.24 -14.62
CA PHE B 163 -19.56 0.17 -15.91
C PHE B 163 -18.83 0.97 -16.99
N ASN B 164 -18.08 2.01 -16.60
CA ASN B 164 -17.66 3.02 -17.56
C ASN B 164 -16.41 2.62 -18.34
N PHE B 165 -15.55 1.79 -17.75
CA PHE B 165 -14.46 1.14 -18.49
C PHE B 165 -14.58 -0.35 -18.23
N PRO B 166 -15.51 -1.00 -18.93
CA PRO B 166 -15.88 -2.36 -18.56
C PRO B 166 -14.89 -3.42 -19.01
N VAL B 167 -13.86 -3.08 -19.79
CA VAL B 167 -12.87 -4.08 -20.19
C VAL B 167 -11.43 -3.67 -19.89
N ALA B 168 -11.13 -2.36 -19.95
CA ALA B 168 -9.72 -1.97 -19.82
C ALA B 168 -9.21 -2.15 -18.40
N VAL B 169 -10.04 -1.84 -17.39
CA VAL B 169 -9.59 -1.95 -16.01
C VAL B 169 -9.29 -3.40 -15.67
N TRP B 170 -10.20 -4.31 -16.02
CA TRP B 170 -9.91 -5.73 -15.80
C TRP B 170 -8.65 -6.15 -16.55
N ALA B 171 -8.48 -5.70 -17.79
CA ALA B 171 -7.28 -6.08 -18.54
C ALA B 171 -6.01 -5.59 -17.85
N TRP B 172 -6.01 -4.34 -17.37
CA TRP B 172 -4.86 -3.86 -16.60
C TRP B 172 -4.52 -4.83 -15.48
N ASN B 173 -5.54 -5.23 -14.72
CA ASN B 173 -5.31 -6.07 -13.56
C ASN B 173 -4.97 -7.49 -13.96
N ALA B 174 -5.66 -8.03 -14.98
CA ALA B 174 -5.47 -9.43 -15.30
C ALA B 174 -4.17 -9.68 -16.07
N ALA B 175 -3.83 -8.81 -17.02
CA ALA B 175 -2.56 -9.01 -17.75
C ALA B 175 -1.38 -8.95 -16.79
N VAL B 176 -1.38 -7.97 -15.88
CA VAL B 176 -0.27 -7.85 -14.94
C VAL B 176 -0.31 -8.99 -13.92
N ALA B 177 -1.49 -9.27 -13.36
CA ALA B 177 -1.60 -10.32 -12.35
C ALA B 177 -1.16 -11.66 -12.91
N LEU B 178 -1.59 -12.00 -14.14
CA LEU B 178 -1.23 -13.31 -14.68
C LEU B 178 0.28 -13.43 -14.92
N VAL B 179 0.91 -12.37 -15.41
CA VAL B 179 2.36 -12.43 -15.61
C VAL B 179 3.09 -12.51 -14.28
N CYS B 180 2.50 -11.93 -13.23
CA CYS B 180 3.03 -11.98 -11.87
C CYS B 180 2.76 -13.31 -11.18
N GLY B 181 2.12 -14.27 -11.84
CA GLY B 181 1.86 -15.56 -11.26
C GLY B 181 0.61 -15.64 -10.42
N ASP B 182 -0.23 -14.61 -10.46
CA ASP B 182 -1.48 -14.63 -9.73
C ASP B 182 -2.59 -15.21 -10.61
N THR B 183 -3.73 -15.49 -9.98
CA THR B 183 -4.97 -15.80 -10.68
C THR B 183 -6.01 -14.75 -10.32
N VAL B 184 -7.12 -14.75 -11.06
CA VAL B 184 -8.06 -13.63 -10.99
C VAL B 184 -9.49 -14.14 -10.83
N VAL B 185 -10.23 -13.53 -9.92
CA VAL B 185 -11.68 -13.65 -9.87
C VAL B 185 -12.26 -12.26 -10.08
N TRP B 186 -13.05 -12.11 -11.15
CA TRP B 186 -13.52 -10.82 -11.63
C TRP B 186 -15.00 -10.68 -11.34
N LYS B 187 -15.36 -9.63 -10.61
CA LYS B 187 -16.76 -9.24 -10.42
C LYS B 187 -17.01 -7.97 -11.22
N PRO B 188 -17.54 -8.07 -12.44
CA PRO B 188 -17.84 -6.87 -13.21
C PRO B 188 -19.07 -6.15 -12.69
N SER B 189 -19.22 -4.90 -13.14
CA SER B 189 -20.42 -4.14 -12.82
C SER B 189 -21.67 -4.90 -13.23
N GLU B 190 -22.69 -4.85 -12.38
CA GLU B 190 -23.99 -5.38 -12.73
C GLU B 190 -24.54 -4.78 -14.01
N LEU B 191 -24.08 -3.59 -14.39
CA LEU B 191 -24.54 -2.92 -15.58
C LEU B 191 -23.89 -3.43 -16.86
N THR B 192 -22.73 -4.10 -16.78
CA THR B 192 -21.97 -4.46 -17.97
C THR B 192 -21.46 -5.90 -17.90
N PRO B 193 -22.36 -6.88 -17.76
CA PRO B 193 -21.90 -8.28 -17.67
C PRO B 193 -21.45 -8.88 -18.99
N LEU B 194 -22.01 -8.41 -20.11
CA LEU B 194 -21.74 -9.08 -21.40
C LEU B 194 -20.31 -8.88 -21.84
N THR B 195 -19.78 -7.65 -21.70
CA THR B 195 -18.37 -7.42 -21.98
C THR B 195 -17.49 -8.38 -21.22
N ALA B 196 -17.81 -8.61 -19.94
CA ALA B 196 -16.98 -9.46 -19.10
C ALA B 196 -17.03 -10.91 -19.57
N LEU B 197 -18.23 -11.39 -19.90
CA LEU B 197 -18.37 -12.73 -20.45
C LEU B 197 -17.55 -12.90 -21.73
N ALA B 198 -17.56 -11.90 -22.60
CA ALA B 198 -16.79 -12.01 -23.85
C ALA B 198 -15.29 -12.02 -23.56
N CYS B 199 -14.83 -11.13 -22.68
CA CYS B 199 -13.41 -11.10 -22.30
C CYS B 199 -12.99 -12.44 -21.73
N ALA B 200 -13.79 -13.00 -20.82
CA ALA B 200 -13.43 -14.24 -20.16
C ALA B 200 -13.38 -15.40 -21.15
N ALA B 201 -14.32 -15.43 -22.10
CA ALA B 201 -14.33 -16.49 -23.11
C ALA B 201 -13.08 -16.42 -24.00
N LEU B 202 -12.67 -15.22 -24.38
CA LEU B 202 -11.44 -15.09 -25.18
C LEU B 202 -10.23 -15.52 -24.39
N LEU B 203 -10.16 -15.13 -23.11
CA LEU B 203 -9.03 -15.56 -22.29
C LEU B 203 -9.05 -17.08 -22.08
N ASP B 204 -10.24 -17.67 -21.90
CA ASP B 204 -10.29 -19.13 -21.78
C ASP B 204 -9.78 -19.82 -23.04
N LEU B 205 -10.02 -19.22 -24.21
CA LEU B 205 -9.48 -19.78 -25.45
C LEU B 205 -7.96 -19.72 -25.45
N ALA B 206 -7.40 -18.58 -25.04
CA ALA B 206 -5.95 -18.47 -24.92
C ALA B 206 -5.41 -19.49 -23.93
N ILE B 207 -6.10 -19.68 -22.79
CA ILE B 207 -5.67 -20.65 -21.80
C ILE B 207 -5.65 -22.06 -22.38
N ALA B 208 -6.67 -22.41 -23.15
CA ALA B 208 -6.72 -23.72 -23.79
C ALA B 208 -5.57 -23.90 -24.76
N ASP B 209 -5.32 -22.88 -25.59
CA ASP B 209 -4.21 -22.96 -26.55
C ASP B 209 -2.88 -23.11 -25.84
N ALA B 210 -2.74 -22.46 -24.67
CA ALA B 210 -1.48 -22.50 -23.95
C ALA B 210 -1.32 -23.76 -23.11
N GLY B 211 -2.37 -24.56 -22.95
CA GLY B 211 -2.33 -25.67 -22.00
C GLY B 211 -2.26 -25.25 -20.56
N ALA B 212 -2.72 -24.04 -20.23
CA ALA B 212 -2.61 -23.47 -18.90
C ALA B 212 -3.77 -23.96 -18.02
N PRO B 213 -3.66 -23.77 -16.70
CA PRO B 213 -4.77 -24.17 -15.82
C PRO B 213 -6.05 -23.41 -16.12
N LYS B 214 -7.18 -24.12 -16.07
CA LYS B 214 -8.47 -23.51 -16.42
C LYS B 214 -8.89 -22.43 -15.42
N GLY B 215 -8.47 -22.54 -14.17
CA GLY B 215 -8.94 -21.60 -13.17
C GLY B 215 -8.17 -20.29 -13.10
N LEU B 216 -7.39 -19.95 -14.14
CA LEU B 216 -6.59 -18.72 -14.06
C LEU B 216 -7.45 -17.47 -13.96
N ASN B 217 -8.64 -17.49 -14.57
CA ASN B 217 -9.52 -16.32 -14.54
C ASN B 217 -10.96 -16.80 -14.54
N GLN B 218 -11.76 -16.20 -13.68
CA GLN B 218 -13.18 -16.53 -13.61
C GLN B 218 -13.98 -15.27 -13.40
N VAL B 219 -15.15 -15.22 -14.02
CA VAL B 219 -16.08 -14.10 -13.87
C VAL B 219 -17.22 -14.55 -12.99
N VAL B 220 -17.57 -13.72 -12.00
CA VAL B 220 -18.73 -13.95 -11.15
C VAL B 220 -19.73 -12.84 -11.44
N VAL B 221 -20.91 -13.24 -11.93
CA VAL B 221 -21.98 -12.32 -12.33
C VAL B 221 -23.03 -12.32 -11.22
N GLY B 222 -23.34 -11.15 -10.70
CA GLY B 222 -24.35 -11.06 -9.66
C GLY B 222 -24.33 -9.72 -8.98
N ALA B 223 -25.14 -9.59 -7.93
CA ALA B 223 -25.37 -8.31 -7.30
C ALA B 223 -24.36 -8.06 -6.18
N ALA B 224 -24.72 -7.18 -5.23
CA ALA B 224 -23.78 -6.75 -4.21
C ALA B 224 -23.32 -7.89 -3.32
N ASP B 225 -24.18 -8.88 -3.08
CA ASP B 225 -23.79 -9.98 -2.20
C ASP B 225 -22.63 -10.78 -2.79
N VAL B 226 -22.57 -10.89 -4.11
CA VAL B 226 -21.46 -11.60 -4.75
C VAL B 226 -20.16 -10.84 -4.54
N GLY B 227 -20.17 -9.52 -4.72
CA GLY B 227 -18.93 -8.76 -4.56
C GLY B 227 -18.47 -8.72 -3.11
N GLU B 228 -19.43 -8.63 -2.18
CA GLU B 228 -19.10 -8.67 -0.76
C GLU B 228 -18.39 -9.97 -0.39
N ARG B 229 -18.87 -11.09 -0.91
CA ARG B 229 -18.27 -12.38 -0.58
C ARG B 229 -16.86 -12.47 -1.11
N LEU B 230 -16.63 -11.89 -2.29
CA LEU B 230 -15.28 -11.86 -2.86
C LEU B 230 -14.34 -11.02 -2.00
N VAL B 231 -14.78 -9.81 -1.63
CA VAL B 231 -14.00 -8.91 -0.79
C VAL B 231 -13.62 -9.56 0.53
N ASP B 232 -14.52 -10.35 1.10
CA ASP B 232 -14.28 -10.91 2.43
C ASP B 232 -13.50 -12.22 2.40
N SER B 233 -13.14 -12.75 1.23
CA SER B 233 -12.56 -14.08 1.18
C SER B 233 -11.18 -14.09 1.83
N PRO B 234 -10.93 -14.98 2.79
CA PRO B 234 -9.58 -15.06 3.38
C PRO B 234 -8.52 -15.58 2.42
N ARG B 235 -8.91 -16.11 1.25
CA ARG B 235 -7.93 -16.57 0.28
C ARG B 235 -7.74 -15.60 -0.88
N VAL B 236 -8.18 -14.36 -0.72
CA VAL B 236 -7.98 -13.32 -1.74
C VAL B 236 -7.07 -12.26 -1.15
N PRO B 237 -5.75 -12.38 -1.33
CA PRO B 237 -4.83 -11.44 -0.65
C PRO B 237 -4.82 -10.06 -1.25
N LEU B 238 -5.35 -9.86 -2.45
CA LEU B 238 -5.37 -8.55 -3.09
C LEU B 238 -6.73 -8.32 -3.69
N VAL B 239 -7.35 -7.19 -3.36
CA VAL B 239 -8.57 -6.77 -4.02
C VAL B 239 -8.28 -5.47 -4.76
N SER B 240 -8.55 -5.46 -6.06
CA SER B 240 -8.45 -4.25 -6.86
C SER B 240 -9.86 -3.76 -7.16
N ALA B 241 -10.20 -2.57 -6.66
CA ALA B 241 -11.56 -2.07 -6.80
C ALA B 241 -11.57 -0.70 -7.46
N THR B 242 -12.36 -0.59 -8.52
CA THR B 242 -12.59 0.67 -9.22
C THR B 242 -14.08 0.97 -9.16
N GLY B 243 -14.42 2.21 -8.83
CA GLY B 243 -15.81 2.59 -8.72
C GLY B 243 -15.88 3.96 -8.09
N SER B 244 -17.06 4.36 -7.64
CA SER B 244 -17.13 5.68 -7.03
C SER B 244 -16.69 5.61 -5.57
N THR B 245 -16.68 6.77 -4.93
CA THR B 245 -16.06 6.90 -3.61
C THR B 245 -16.62 5.90 -2.59
N ARG B 246 -17.91 5.53 -2.67
CA ARG B 246 -18.48 4.65 -1.64
C ARG B 246 -17.75 3.32 -1.58
N MET B 247 -17.18 2.90 -2.70
CA MET B 247 -16.50 1.61 -2.76
C MET B 247 -15.27 1.59 -1.87
N GLY B 248 -14.71 2.74 -1.53
CA GLY B 248 -13.55 2.73 -0.65
C GLY B 248 -13.90 2.31 0.76
N ARG B 249 -14.97 2.87 1.32
CA ARG B 249 -15.29 2.62 2.72
C ARG B 249 -15.86 1.24 2.93
N ALA B 250 -16.43 0.64 1.91
CA ALA B 250 -16.69 -0.78 1.97
C ALA B 250 -15.33 -1.49 1.93
N VAL B 251 -14.65 -1.40 0.79
CA VAL B 251 -13.62 -2.39 0.47
C VAL B 251 -12.37 -2.19 1.34
N GLY B 252 -11.83 -0.98 1.37
CA GLY B 252 -10.56 -0.74 2.04
C GLY B 252 -10.47 -1.23 3.47
N PRO B 253 -11.35 -0.74 4.34
CA PRO B 253 -11.31 -1.14 5.76
C PRO B 253 -11.53 -2.62 5.99
N ARG B 254 -12.50 -3.24 5.31
CA ARG B 254 -12.74 -4.65 5.62
C ARG B 254 -11.63 -5.55 5.09
N VAL B 255 -11.03 -5.21 3.95
CA VAL B 255 -9.87 -5.98 3.51
C VAL B 255 -8.71 -5.78 4.46
N ALA B 256 -8.51 -4.55 4.93
CA ALA B 256 -7.45 -4.29 5.90
C ALA B 256 -7.67 -5.08 7.20
N ALA B 257 -8.93 -5.28 7.58
CA ALA B 257 -9.25 -5.97 8.83
C ALA B 257 -8.82 -7.42 8.81
N ARG B 258 -8.73 -8.04 7.62
CA ARG B 258 -8.24 -9.39 7.47
C ARG B 258 -6.80 -9.42 6.94
N PHE B 259 -6.10 -8.30 7.03
CA PHE B 259 -4.68 -8.19 6.66
C PHE B 259 -4.46 -8.42 5.17
N GLY B 260 -5.47 -8.11 4.36
CA GLY B 260 -5.29 -8.14 2.92
C GLY B 260 -4.84 -6.79 2.38
N ARG B 261 -4.54 -6.78 1.08
CA ARG B 261 -4.05 -5.61 0.37
C ARG B 261 -5.13 -5.13 -0.57
N THR B 262 -5.21 -3.80 -0.78
CA THR B 262 -6.13 -3.26 -1.77
C THR B 262 -5.43 -2.29 -2.70
N ILE B 263 -5.93 -2.25 -3.93
CA ILE B 263 -5.66 -1.22 -4.91
C ILE B 263 -7.00 -0.53 -5.14
N LEU B 264 -7.10 0.73 -4.76
CA LEU B 264 -8.35 1.47 -4.84
C LEU B 264 -8.18 2.63 -5.81
N GLU B 265 -9.09 2.73 -6.77
CA GLU B 265 -9.13 3.84 -7.72
C GLU B 265 -10.59 4.26 -7.82
N LEU B 266 -10.95 5.32 -7.09
CA LEU B 266 -12.35 5.64 -6.83
C LEU B 266 -12.80 6.91 -7.54
N GLY B 267 -12.17 7.25 -8.67
CA GLY B 267 -12.62 8.37 -9.46
C GLY B 267 -12.01 9.67 -8.98
N GLY B 268 -12.41 10.75 -9.65
CA GLY B 268 -11.80 12.03 -9.41
C GLY B 268 -12.78 13.17 -9.58
N ASN B 269 -12.33 14.32 -9.17
CA ASN B 269 -13.07 15.57 -9.34
C ASN B 269 -12.08 16.53 -9.99
N ASN B 270 -11.76 16.24 -11.24
CA ASN B 270 -10.51 16.71 -11.81
C ASN B 270 -10.62 18.12 -12.37
N ALA B 271 -9.56 18.90 -12.17
CA ALA B 271 -9.54 20.31 -12.54
C ALA B 271 -8.43 20.60 -13.54
N ALA B 272 -8.64 21.64 -14.34
CA ALA B 272 -7.57 22.20 -15.15
C ALA B 272 -7.49 23.70 -14.88
N VAL B 273 -6.26 24.20 -14.78
CA VAL B 273 -6.00 25.63 -14.57
C VAL B 273 -5.70 26.23 -15.93
N VAL B 274 -6.32 27.36 -16.23
CA VAL B 274 -6.12 28.07 -17.50
C VAL B 274 -5.49 29.42 -17.17
N THR B 275 -4.22 29.58 -17.51
CA THR B 275 -3.45 30.77 -17.16
C THR B 275 -3.60 31.83 -18.24
N PRO B 276 -3.20 33.08 -17.95
CA PRO B 276 -3.36 34.14 -18.96
C PRO B 276 -2.68 33.86 -20.28
N SER B 277 -1.60 33.07 -20.29
CA SER B 277 -0.87 32.80 -21.53
C SER B 277 -1.33 31.52 -22.22
N ALA B 278 -2.37 30.85 -21.71
CA ALA B 278 -2.88 29.63 -22.35
C ALA B 278 -3.23 29.88 -23.81
N ASP B 279 -2.89 28.92 -24.65
CA ASP B 279 -3.40 28.90 -26.02
C ASP B 279 -4.88 28.57 -25.96
N LEU B 280 -5.73 29.53 -26.30
CA LEU B 280 -7.16 29.35 -26.03
C LEU B 280 -7.81 28.36 -26.99
N ASP B 281 -7.35 28.26 -28.23
CA ASP B 281 -7.87 27.22 -29.12
C ASP B 281 -7.53 25.83 -28.59
N LEU B 282 -6.28 25.62 -28.22
CA LEU B 282 -5.85 24.37 -27.60
C LEU B 282 -6.67 24.08 -26.34
N THR B 283 -6.82 25.09 -25.49
CA THR B 283 -7.51 24.89 -24.21
C THR B 283 -8.96 24.53 -24.41
N VAL B 284 -9.65 25.24 -25.31
CA VAL B 284 -11.06 24.95 -25.57
C VAL B 284 -11.25 23.54 -26.09
N ASN B 285 -10.43 23.15 -27.06
CA ASN B 285 -10.53 21.77 -27.57
C ASN B 285 -10.24 20.75 -26.46
N ALA B 286 -9.16 20.95 -25.72
CA ALA B 286 -8.82 20.01 -24.66
C ALA B 286 -9.94 19.93 -23.62
N ALA B 287 -10.53 21.08 -23.25
CA ALA B 287 -11.53 21.08 -22.19
C ALA B 287 -12.81 20.42 -22.67
N VAL B 288 -13.23 20.72 -23.90
CA VAL B 288 -14.43 20.08 -24.44
C VAL B 288 -14.28 18.55 -24.43
N PHE B 289 -13.15 18.05 -24.93
CA PHE B 289 -13.01 16.61 -25.00
CA PHE B 289 -12.95 16.60 -25.00
C PHE B 289 -12.94 15.98 -23.62
N ALA B 290 -12.26 16.62 -22.66
CA ALA B 290 -12.14 16.03 -21.32
C ALA B 290 -13.40 16.21 -20.49
N ALA B 291 -14.19 17.25 -20.73
CA ALA B 291 -15.40 17.45 -19.94
C ALA B 291 -16.60 16.71 -20.52
N ALA B 292 -16.73 16.71 -21.85
CA ALA B 292 -17.90 16.13 -22.49
C ALA B 292 -17.68 14.70 -22.97
N GLY B 293 -16.44 14.28 -23.20
CA GLY B 293 -16.20 12.93 -23.67
C GLY B 293 -16.76 11.89 -22.70
N THR B 294 -17.24 10.78 -23.27
CA THR B 294 -17.84 9.70 -22.48
C THR B 294 -19.01 10.21 -21.64
N ALA B 295 -19.62 11.29 -22.10
CA ALA B 295 -20.75 11.94 -21.41
C ALA B 295 -20.40 12.24 -19.96
N GLY B 296 -19.15 12.67 -19.73
CA GLY B 296 -18.69 13.02 -18.39
C GLY B 296 -18.56 11.84 -17.45
N GLN B 297 -18.51 10.62 -17.97
CA GLN B 297 -18.50 9.41 -17.16
C GLN B 297 -17.14 8.72 -17.16
N ARG B 298 -16.05 9.49 -17.16
CA ARG B 298 -14.72 8.94 -16.91
C ARG B 298 -14.30 9.24 -15.48
N CYS B 299 -13.50 8.34 -14.89
CA CYS B 299 -12.82 8.71 -13.65
C CYS B 299 -12.03 10.00 -13.83
N THR B 300 -11.44 10.19 -15.00
CA THR B 300 -10.59 11.34 -15.31
C THR B 300 -11.34 12.52 -15.92
N THR B 301 -12.67 12.51 -15.91
CA THR B 301 -13.42 13.59 -16.56
C THR B 301 -13.08 14.94 -15.95
N LEU B 302 -12.95 15.95 -16.81
CA LEU B 302 -12.75 17.31 -16.36
C LEU B 302 -14.05 17.88 -15.82
N ARG B 303 -14.05 18.27 -14.53
CA ARG B 303 -15.25 18.77 -13.87
C ARG B 303 -15.08 20.18 -13.34
N ARG B 304 -13.84 20.69 -13.26
CA ARG B 304 -13.58 22.00 -12.69
C ARG B 304 -12.56 22.71 -13.58
N LEU B 305 -12.89 23.92 -14.01
CA LEU B 305 -11.99 24.72 -14.82
C LEU B 305 -11.69 26.00 -14.04
N ILE B 306 -10.42 26.19 -13.70
CA ILE B 306 -10.00 27.27 -12.84
C ILE B 306 -9.28 28.27 -13.74
N VAL B 307 -9.94 29.38 -14.08
CA VAL B 307 -9.51 30.24 -15.18
C VAL B 307 -9.08 31.59 -14.63
N HIS B 308 -8.00 32.14 -15.16
CA HIS B 308 -7.54 33.43 -14.67
C HIS B 308 -8.59 34.50 -14.99
N GLU B 309 -8.79 35.42 -14.04
CA GLU B 309 -9.86 36.40 -14.17
C GLU B 309 -9.71 37.24 -15.43
N ASP B 310 -8.47 37.44 -15.92
CA ASP B 310 -8.28 38.30 -17.07
C ASP B 310 -8.77 37.67 -18.37
N ILE B 311 -8.91 36.35 -18.44
CA ILE B 311 -9.42 35.69 -19.62
C ILE B 311 -10.72 34.93 -19.36
N ALA B 312 -11.28 35.02 -18.15
CA ALA B 312 -12.41 34.16 -17.81
C ALA B 312 -13.62 34.42 -18.71
N ASP B 313 -13.92 35.68 -19.02
CA ASP B 313 -15.10 35.97 -19.83
C ASP B 313 -14.98 35.36 -21.22
N THR B 314 -13.82 35.54 -21.87
CA THR B 314 -13.66 35.00 -23.22
C THR B 314 -13.60 33.48 -23.21
N VAL B 315 -13.01 32.87 -22.18
CA VAL B 315 -13.00 31.41 -22.10
C VAL B 315 -14.42 30.87 -21.94
N VAL B 316 -15.23 31.49 -21.09
CA VAL B 316 -16.61 31.04 -20.92
C VAL B 316 -17.41 31.25 -22.20
N GLU B 317 -17.15 32.36 -22.91
CA GLU B 317 -17.85 32.59 -24.17
C GLU B 317 -17.50 31.52 -25.19
N ARG B 318 -16.23 31.17 -25.30
CA ARG B 318 -15.80 30.15 -26.25
C ARG B 318 -16.33 28.78 -25.87
N LEU B 319 -16.31 28.44 -24.58
CA LEU B 319 -16.82 27.15 -24.16
C LEU B 319 -18.33 27.07 -24.33
N THR B 320 -19.04 28.18 -24.12
CA THR B 320 -20.48 28.18 -24.33
C THR B 320 -20.81 27.85 -25.78
N ALA B 321 -20.11 28.50 -26.71
CA ALA B 321 -20.32 28.21 -28.13
C ALA B 321 -20.05 26.75 -28.46
N ALA B 322 -18.93 26.22 -27.94
CA ALA B 322 -18.58 24.83 -28.21
C ALA B 322 -19.62 23.89 -27.62
N PHE B 323 -20.04 24.13 -26.37
CA PHE B 323 -21.00 23.23 -25.74
C PHE B 323 -22.31 23.22 -26.50
N GLU B 324 -22.72 24.37 -27.03
CA GLU B 324 -23.95 24.44 -27.80
C GLU B 324 -23.85 23.67 -29.12
N ARG B 325 -22.63 23.40 -29.59
CA ARG B 325 -22.36 22.73 -30.86
C ARG B 325 -22.08 21.24 -30.71
N LEU B 326 -21.99 20.71 -29.49
CA LEU B 326 -21.60 19.33 -29.30
C LEU B 326 -22.60 18.38 -29.97
N PRO B 327 -22.14 17.43 -30.79
CA PRO B 327 -23.05 16.44 -31.38
C PRO B 327 -23.39 15.32 -30.41
N ILE B 328 -24.66 15.28 -29.99
CA ILE B 328 -25.19 14.27 -29.09
C ILE B 328 -25.97 13.28 -29.95
N GLY B 329 -25.83 11.98 -29.66
CA GLY B 329 -26.63 11.02 -30.39
C GLY B 329 -26.18 9.59 -30.20
N ASP B 330 -26.62 8.75 -31.13
CA ASP B 330 -26.34 7.32 -31.11
C ASP B 330 -24.84 7.08 -31.11
N PRO B 331 -24.30 6.34 -30.13
CA PRO B 331 -22.85 6.13 -30.09
C PRO B 331 -22.32 5.24 -31.20
N PHE B 332 -23.20 4.58 -31.97
CA PHE B 332 -22.75 3.85 -33.15
C PHE B 332 -22.60 4.76 -34.38
N GLN B 333 -23.06 6.00 -34.32
CA GLN B 333 -22.88 6.94 -35.42
C GLN B 333 -21.56 7.67 -35.25
N ASP B 334 -20.73 7.68 -36.30
CA ASP B 334 -19.43 8.30 -36.20
C ASP B 334 -19.49 9.80 -35.95
N THR B 335 -20.61 10.45 -36.32
CA THR B 335 -20.75 11.88 -36.07
C THR B 335 -20.96 12.21 -34.59
N THR B 336 -21.33 11.23 -33.78
CA THR B 336 -21.61 11.47 -32.38
C THR B 336 -20.33 11.71 -31.59
N LEU B 337 -20.33 12.73 -30.74
CA LEU B 337 -19.30 12.92 -29.71
C LEU B 337 -19.80 12.51 -28.33
N VAL B 338 -21.05 12.84 -27.99
CA VAL B 338 -21.60 12.56 -26.67
C VAL B 338 -22.71 11.54 -26.83
N GLY B 339 -22.51 10.35 -26.27
CA GLY B 339 -23.55 9.35 -26.21
C GLY B 339 -24.40 9.56 -24.96
N PRO B 340 -25.22 8.57 -24.62
CA PRO B 340 -26.14 8.71 -23.49
C PRO B 340 -25.47 8.50 -22.14
N LEU B 341 -26.12 9.04 -21.11
CA LEU B 341 -25.80 8.65 -19.74
C LEU B 341 -26.23 7.21 -19.49
N VAL B 342 -25.69 6.61 -18.42
CA VAL B 342 -25.87 5.16 -18.29
C VAL B 342 -27.30 4.78 -17.95
N ASN B 343 -28.02 5.60 -17.16
CA ASN B 343 -29.39 5.24 -16.81
C ASN B 343 -30.11 6.47 -16.26
N GLU B 344 -31.38 6.27 -15.88
CA GLU B 344 -32.19 7.41 -15.42
C GLU B 344 -31.61 8.05 -14.16
N ALA B 345 -31.13 7.23 -13.22
CA ALA B 345 -30.58 7.80 -11.98
C ALA B 345 -29.41 8.73 -12.29
N ALA B 346 -28.60 8.39 -13.30
CA ALA B 346 -27.49 9.29 -13.66
C ALA B 346 -28.02 10.63 -14.13
N PHE B 347 -29.10 10.63 -14.92
CA PHE B 347 -29.71 11.87 -15.37
C PHE B 347 -30.27 12.65 -14.19
N GLY B 348 -30.99 11.96 -13.29
CA GLY B 348 -31.56 12.63 -12.13
C GLY B 348 -30.49 13.27 -11.25
N ARG B 349 -29.39 12.57 -11.02
CA ARG B 349 -28.31 13.14 -10.20
C ARG B 349 -27.68 14.34 -10.90
N MET B 350 -27.55 14.29 -12.22
CA MET B 350 -27.04 15.44 -12.94
C MET B 350 -27.95 16.65 -12.77
N ARG B 351 -29.25 16.45 -12.98
CA ARG B 351 -30.22 17.54 -12.84
C ARG B 351 -30.18 18.12 -11.44
N GLU B 352 -30.06 17.26 -10.43
CA GLU B 352 -30.02 17.74 -9.05
C GLU B 352 -28.77 18.55 -8.78
N ALA B 353 -27.64 18.15 -9.35
CA ALA B 353 -26.42 18.93 -9.15
C ALA B 353 -26.52 20.29 -9.81
N VAL B 354 -27.10 20.36 -11.02
CA VAL B 354 -27.22 21.65 -11.68
C VAL B 354 -28.17 22.54 -10.92
N GLU B 355 -29.27 21.99 -10.44
CA GLU B 355 -30.20 22.79 -9.63
C GLU B 355 -29.54 23.28 -8.35
N ARG B 356 -28.75 22.42 -7.70
CA ARG B 356 -28.03 22.86 -6.51
CA ARG B 356 -28.01 22.84 -6.52
C ARG B 356 -27.02 23.95 -6.86
N ALA B 357 -26.32 23.81 -7.99
CA ALA B 357 -25.32 24.81 -8.35
C ALA B 357 -25.94 26.20 -8.52
N THR B 358 -27.11 26.29 -9.17
CA THR B 358 -27.72 27.60 -9.34
C THR B 358 -28.24 28.15 -8.01
N ALA B 359 -28.70 27.27 -7.11
CA ALA B 359 -29.09 27.72 -5.77
C ALA B 359 -27.90 28.16 -4.93
N GLU B 360 -26.70 27.68 -5.25
CA GLU B 360 -25.49 28.09 -4.56
C GLU B 360 -24.81 29.27 -5.25
N GLY B 361 -25.51 29.95 -6.15
CA GLY B 361 -25.02 31.17 -6.76
C GLY B 361 -24.48 31.03 -8.16
N GLY B 362 -24.52 29.85 -8.75
CA GLY B 362 -23.95 29.65 -10.07
C GLY B 362 -24.89 30.04 -11.20
N THR B 363 -24.31 30.18 -12.38
CA THR B 363 -25.06 30.52 -13.60
C THR B 363 -24.86 29.42 -14.63
N LEU B 364 -25.97 28.80 -15.05
CA LEU B 364 -25.89 27.83 -16.14
C LEU B 364 -25.68 28.56 -17.45
N CYS B 365 -24.51 28.37 -18.05
CA CYS B 365 -24.14 29.05 -19.29
C CYS B 365 -24.56 28.28 -20.55
N ALA B 366 -24.62 26.96 -20.46
CA ALA B 366 -24.96 26.12 -21.61
C ALA B 366 -25.25 24.70 -21.13
N GLY B 367 -26.08 23.99 -21.90
CA GLY B 367 -26.27 22.57 -21.68
C GLY B 367 -27.26 22.23 -20.59
N GLY B 368 -27.28 20.95 -20.23
CA GLY B 368 -28.11 20.43 -19.16
C GLY B 368 -29.45 19.87 -19.59
N GLU B 369 -29.91 20.18 -20.81
CA GLU B 369 -31.21 19.73 -21.26
C GLU B 369 -31.14 18.33 -21.84
N ARG B 370 -32.17 17.54 -21.56
CA ARG B 370 -32.31 16.24 -22.19
C ARG B 370 -32.60 16.41 -23.68
N GLN B 371 -31.97 15.57 -24.49
CA GLN B 371 -32.06 15.65 -25.94
C GLN B 371 -33.00 14.57 -26.47
N PHE B 372 -33.78 14.93 -27.50
CA PHE B 372 -34.73 14.07 -28.21
C PHE B 372 -35.28 12.93 -27.35
N PRO B 373 -36.02 13.25 -26.27
CA PRO B 373 -36.55 12.17 -25.43
C PRO B 373 -37.51 11.23 -26.16
N ASP B 374 -38.31 11.75 -27.10
CA ASP B 374 -39.27 10.91 -27.80
C ASP B 374 -38.59 9.90 -28.72
N ALA B 375 -37.35 10.18 -29.14
CA ALA B 375 -36.63 9.25 -30.00
C ALA B 375 -36.24 7.97 -29.26
N ALA B 376 -36.19 8.00 -27.94
CA ALA B 376 -35.84 6.86 -27.11
C ALA B 376 -36.21 7.18 -25.66
N PRO B 377 -37.47 6.97 -25.27
CA PRO B 377 -37.94 7.45 -23.97
C PRO B 377 -37.25 6.82 -22.79
N GLY B 378 -36.67 5.63 -22.95
CA GLY B 378 -35.96 4.98 -21.87
C GLY B 378 -34.49 5.30 -21.79
N ALA B 379 -33.98 6.13 -22.69
CA ALA B 379 -32.57 6.50 -22.74
C ALA B 379 -32.40 7.99 -22.42
N TYR B 380 -31.25 8.34 -21.87
CA TYR B 380 -31.02 9.69 -21.38
C TYR B 380 -29.81 10.29 -22.08
N TYR B 381 -30.07 10.94 -23.21
CA TYR B 381 -29.10 11.73 -23.94
C TYR B 381 -29.18 13.17 -23.43
N VAL B 382 -28.08 13.70 -22.91
CA VAL B 382 -28.09 15.02 -22.31
C VAL B 382 -26.96 15.87 -22.89
N ARG B 383 -27.22 17.16 -23.08
CA ARG B 383 -26.12 18.06 -23.45
C ARG B 383 -25.28 18.39 -22.22
N PRO B 384 -23.96 18.21 -22.28
CA PRO B 384 -23.11 18.59 -21.15
C PRO B 384 -23.37 20.02 -20.68
N ALA B 385 -23.32 20.21 -19.37
CA ALA B 385 -23.62 21.49 -18.73
C ALA B 385 -22.36 22.26 -18.42
N LEU B 386 -22.41 23.58 -18.64
CA LEU B 386 -21.34 24.50 -18.31
C LEU B 386 -21.90 25.50 -17.31
N VAL B 387 -21.30 25.56 -16.12
CA VAL B 387 -21.85 26.33 -15.00
C VAL B 387 -20.77 27.25 -14.43
N ARG B 388 -20.98 28.55 -14.51
CA ARG B 388 -20.04 29.49 -13.92
C ARG B 388 -20.34 29.67 -12.43
N MET B 389 -19.32 29.53 -11.58
CA MET B 389 -19.54 29.51 -10.13
C MET B 389 -18.80 30.64 -9.44
N PRO B 390 -19.39 31.24 -8.41
CA PRO B 390 -18.73 32.36 -7.72
C PRO B 390 -17.65 31.92 -6.76
N ALA B 391 -17.61 30.63 -6.44
CA ALA B 391 -16.67 30.06 -5.49
C ALA B 391 -16.80 28.55 -5.61
N GLN B 392 -15.85 27.85 -5.01
CA GLN B 392 -15.88 26.39 -5.01
C GLN B 392 -16.76 25.93 -3.86
N THR B 393 -18.07 25.94 -4.10
CA THR B 393 -19.05 25.61 -3.09
C THR B 393 -19.21 24.10 -2.96
N ALA B 394 -20.15 23.69 -2.11
CA ALA B 394 -20.34 22.28 -1.78
C ALA B 394 -20.54 21.44 -3.03
N VAL B 395 -21.36 21.92 -3.97
CA VAL B 395 -21.69 21.08 -5.13
C VAL B 395 -20.47 20.95 -6.04
N VAL B 396 -19.57 21.93 -6.02
CA VAL B 396 -18.37 21.84 -6.84
C VAL B 396 -17.40 20.84 -6.23
N ARG B 397 -17.31 20.82 -4.89
CA ARG B 397 -16.35 19.96 -4.22
C ARG B 397 -16.79 18.50 -4.24
N GLU B 398 -18.08 18.24 -4.38
CA GLU B 398 -18.59 16.87 -4.38
C GLU B 398 -18.87 16.46 -5.82
N GLU B 399 -18.13 15.47 -6.31
CA GLU B 399 -18.23 15.02 -7.69
C GLU B 399 -19.62 14.46 -7.99
N THR B 400 -20.16 14.83 -9.16
CA THR B 400 -21.32 14.17 -9.75
C THR B 400 -20.85 13.50 -11.03
N PHE B 401 -21.23 12.25 -11.22
CA PHE B 401 -20.72 11.45 -12.35
C PHE B 401 -21.58 11.76 -13.58
N ALA B 402 -21.37 12.96 -14.11
CA ALA B 402 -22.19 13.51 -15.17
C ALA B 402 -21.38 14.61 -15.84
N PRO B 403 -21.75 14.98 -17.08
CA PRO B 403 -21.01 16.06 -17.76
C PRO B 403 -21.45 17.42 -17.25
N ILE B 404 -20.80 17.89 -16.19
CA ILE B 404 -20.97 19.22 -15.64
C ILE B 404 -19.58 19.81 -15.45
N LEU B 405 -19.32 20.94 -16.09
CA LEU B 405 -18.04 21.63 -15.98
C LEU B 405 -18.25 22.94 -15.24
N TYR B 406 -17.73 23.03 -14.02
CA TYR B 406 -17.82 24.24 -13.21
C TYR B 406 -16.65 25.15 -13.52
N VAL B 407 -16.94 26.43 -13.75
CA VAL B 407 -15.90 27.41 -14.10
C VAL B 407 -15.69 28.33 -12.90
N LEU B 408 -14.46 28.36 -12.41
CA LEU B 408 -14.04 29.19 -11.28
C LEU B 408 -12.95 30.14 -11.76
N THR B 409 -12.83 31.29 -11.09
CA THR B 409 -11.78 32.25 -11.46
C THR B 409 -10.73 32.37 -10.36
N TYR B 410 -9.53 32.80 -10.77
CA TYR B 410 -8.45 33.05 -9.84
C TYR B 410 -7.60 34.20 -10.37
N ARG B 411 -6.70 34.72 -9.51
CA ARG B 411 -5.71 35.69 -9.96
C ARG B 411 -4.29 35.20 -9.78
N ASP B 412 -3.95 34.73 -8.58
CA ASP B 412 -2.61 34.27 -8.26
C ASP B 412 -2.50 32.76 -8.44
N LEU B 413 -1.40 32.31 -9.08
CA LEU B 413 -1.30 30.89 -9.39
C LEU B 413 -1.36 30.02 -8.12
N ASP B 414 -0.81 30.50 -7.01
CA ASP B 414 -0.88 29.69 -5.79
C ASP B 414 -2.32 29.48 -5.35
N GLU B 415 -3.20 30.45 -5.62
CA GLU B 415 -4.61 30.25 -5.29
C GLU B 415 -5.28 29.28 -6.25
N ALA B 416 -4.91 29.30 -7.54
CA ALA B 416 -5.41 28.28 -8.45
C ALA B 416 -5.01 26.88 -7.98
N ILE B 417 -3.77 26.73 -7.51
CA ILE B 417 -3.31 25.43 -7.00
C ILE B 417 -4.09 25.04 -5.75
N ARG B 418 -4.31 25.99 -4.85
CA ARG B 418 -5.11 25.71 -3.67
C ARG B 418 -6.52 25.28 -4.05
N LEU B 419 -7.14 25.97 -5.01
CA LEU B 419 -8.47 25.54 -5.48
C LEU B 419 -8.42 24.14 -6.07
N ASN B 420 -7.38 23.84 -6.85
CA ASN B 420 -7.25 22.47 -7.36
C ASN B 420 -7.23 21.46 -6.23
N ASN B 421 -6.43 21.73 -5.19
CA ASN B 421 -6.10 20.78 -4.14
C ASN B 421 -7.17 20.69 -3.06
N GLU B 422 -8.10 21.63 -3.01
CA GLU B 422 -9.02 21.76 -1.89
C GLU B 422 -10.04 20.63 -1.79
N VAL B 423 -10.31 19.90 -2.87
CA VAL B 423 -11.39 18.91 -2.91
C VAL B 423 -10.93 17.59 -2.31
N PRO B 424 -11.85 16.71 -1.90
CA PRO B 424 -11.43 15.45 -1.26
C PRO B 424 -10.81 14.43 -2.21
N GLN B 425 -11.04 14.54 -3.51
CA GLN B 425 -10.48 13.59 -4.46
C GLN B 425 -9.17 14.13 -5.02
N GLY B 426 -8.40 13.26 -5.66
CA GLY B 426 -7.09 13.68 -6.14
C GLY B 426 -6.54 12.85 -7.28
N LEU B 427 -7.34 12.66 -8.33
CA LEU B 427 -6.92 11.78 -9.42
C LEU B 427 -6.02 12.52 -10.41
N SER B 428 -6.57 13.48 -11.15
CA SER B 428 -5.77 14.13 -12.19
C SER B 428 -6.00 15.64 -12.21
N ALA B 429 -5.03 16.36 -12.79
CA ALA B 429 -5.07 17.80 -12.89
C ALA B 429 -4.26 18.22 -14.11
N GLY B 430 -4.63 19.35 -14.70
CA GLY B 430 -3.86 19.88 -15.82
C GLY B 430 -3.70 21.38 -15.72
N ILE B 431 -2.65 21.90 -16.35
CA ILE B 431 -2.46 23.34 -16.45
C ILE B 431 -2.22 23.69 -17.91
N PHE B 432 -2.93 24.71 -18.40
CA PHE B 432 -2.73 25.21 -19.76
C PHE B 432 -2.02 26.55 -19.65
N THR B 433 -0.80 26.60 -20.21
CA THR B 433 0.04 27.78 -20.04
C THR B 433 1.14 27.75 -21.10
N ALA B 434 1.56 28.93 -21.52
CA ALA B 434 2.79 29.06 -22.30
C ALA B 434 3.99 29.42 -21.43
N ASP B 435 3.80 29.57 -20.13
CA ASP B 435 4.83 30.08 -19.23
C ASP B 435 5.60 28.91 -18.60
N GLN B 436 6.91 28.90 -18.84
CA GLN B 436 7.77 27.82 -18.36
C GLN B 436 7.68 27.67 -16.83
N SER B 437 7.70 28.79 -16.11
CA SER B 437 7.70 28.72 -14.66
CA SER B 437 7.70 28.72 -14.66
C SER B 437 6.36 28.25 -14.12
N GLU B 438 5.26 28.74 -14.68
CA GLU B 438 3.95 28.29 -14.21
C GLU B 438 3.78 26.78 -14.40
N ALA B 439 4.23 26.26 -15.54
CA ALA B 439 4.14 24.82 -15.78
C ALA B 439 4.87 24.03 -14.70
N GLU B 440 6.10 24.45 -14.38
CA GLU B 440 6.89 23.75 -13.38
C GLU B 440 6.31 23.94 -11.98
N ARG B 441 5.81 25.13 -11.68
CA ARG B 441 5.20 25.36 -10.37
C ARG B 441 4.00 24.43 -10.16
N PHE B 442 3.22 24.21 -11.21
CA PHE B 442 2.06 23.33 -11.11
C PHE B 442 2.46 21.91 -10.76
N LEU B 443 3.62 21.46 -11.24
CA LEU B 443 4.04 20.08 -11.07
C LEU B 443 4.97 19.90 -9.87
N ALA B 444 5.32 20.99 -9.18
CA ALA B 444 6.27 21.00 -8.07
C ALA B 444 5.65 20.36 -6.82
N PRO B 445 6.46 20.08 -5.79
CA PRO B 445 5.91 19.44 -4.57
C PRO B 445 4.80 20.25 -3.92
N ASP B 446 4.83 21.58 -4.04
CA ASP B 446 3.75 22.41 -3.51
C ASP B 446 2.75 22.81 -4.59
N GLY B 447 2.73 22.10 -5.70
CA GLY B 447 1.78 22.33 -6.77
C GLY B 447 0.56 21.44 -6.66
N ALA B 448 0.03 21.02 -7.79
CA ALA B 448 -1.13 20.13 -7.79
C ALA B 448 -0.80 18.85 -7.04
N ASP B 449 -1.75 18.40 -6.22
CA ASP B 449 -1.55 17.27 -5.31
C ASP B 449 -2.01 15.93 -5.87
N CYS B 450 -2.37 15.87 -7.15
CA CYS B 450 -3.04 14.70 -7.71
C CYS B 450 -2.04 13.62 -8.15
N GLY B 451 -2.58 12.41 -8.37
CA GLY B 451 -1.75 11.33 -8.86
C GLY B 451 -1.26 11.54 -10.28
N ILE B 452 -2.02 12.28 -11.08
CA ILE B 452 -1.69 12.63 -12.46
C ILE B 452 -1.69 14.15 -12.54
N ALA B 453 -0.58 14.75 -12.99
CA ALA B 453 -0.56 16.20 -13.13
C ALA B 453 0.16 16.57 -14.41
N ASN B 454 -0.56 17.25 -15.30
CA ASN B 454 -0.16 17.41 -16.71
C ASN B 454 -0.02 18.87 -17.09
N VAL B 455 0.71 19.11 -18.19
CA VAL B 455 0.91 20.44 -18.77
C VAL B 455 0.42 20.45 -20.20
N ASN B 456 -0.55 21.33 -20.50
CA ASN B 456 -1.08 21.56 -21.86
C ASN B 456 -1.74 20.32 -22.46
N ILE B 457 -2.22 19.42 -21.60
CA ILE B 457 -3.09 18.32 -22.00
C ILE B 457 -4.02 18.11 -20.82
N GLY B 458 -5.22 17.60 -21.10
CA GLY B 458 -6.28 17.57 -20.11
C GLY B 458 -6.15 16.48 -19.06
N THR B 459 -7.22 16.35 -18.27
CA THR B 459 -7.23 15.47 -17.12
C THR B 459 -7.31 14.00 -17.50
N SER B 460 -7.62 13.68 -18.75
CA SER B 460 -7.60 12.30 -19.21
C SER B 460 -6.28 11.92 -19.84
N GLY B 461 -5.29 12.83 -19.81
CA GLY B 461 -3.98 12.55 -20.36
C GLY B 461 -3.20 11.54 -19.54
N ALA B 462 -3.26 10.29 -19.97
CA ALA B 462 -2.57 9.19 -19.32
C ALA B 462 -2.36 8.10 -20.37
N GLU B 463 -1.46 7.17 -20.09
CA GLU B 463 -1.18 6.10 -21.05
C GLU B 463 -0.62 4.88 -20.32
N ILE B 464 -0.46 3.80 -21.10
CA ILE B 464 -0.17 2.47 -20.54
C ILE B 464 1.12 2.49 -19.72
N GLY B 465 2.15 3.18 -20.20
CA GLY B 465 3.44 3.13 -19.53
C GLY B 465 3.50 3.86 -18.21
N GLY B 466 2.49 4.65 -17.88
CA GLY B 466 2.44 5.35 -16.61
C GLY B 466 1.60 4.62 -15.57
N ALA B 467 1.98 4.78 -14.31
CA ALA B 467 1.14 4.30 -13.21
C ALA B 467 -0.11 5.15 -13.13
N PHE B 468 -1.28 4.50 -13.10
CA PHE B 468 -2.56 5.20 -13.13
C PHE B 468 -3.24 5.11 -11.78
N GLY B 469 -3.65 6.26 -11.24
CA GLY B 469 -4.35 6.29 -9.97
C GLY B 469 -4.15 7.63 -9.30
N GLY B 470 -4.79 7.78 -8.15
CA GLY B 470 -4.74 9.06 -7.49
C GLY B 470 -4.65 9.02 -5.98
N GLU B 471 -4.79 10.18 -5.36
CA GLU B 471 -4.53 10.37 -3.94
C GLU B 471 -5.83 10.73 -3.22
N LYS B 472 -5.71 10.89 -1.91
CA LYS B 472 -6.83 11.34 -1.05
C LYS B 472 -7.98 10.36 -1.23
N GLU B 473 -9.22 10.82 -1.41
CA GLU B 473 -10.35 9.91 -1.51
C GLU B 473 -10.39 9.15 -2.83
N THR B 474 -9.47 9.42 -3.77
CA THR B 474 -9.36 8.55 -4.93
C THR B 474 -8.82 7.18 -4.53
N GLY B 475 -8.07 7.09 -3.44
CA GLY B 475 -7.83 5.81 -2.79
C GLY B 475 -6.39 5.37 -2.73
N GLY B 476 -5.49 6.00 -3.48
CA GLY B 476 -4.07 5.73 -3.35
C GLY B 476 -3.52 4.62 -4.23
N GLY B 477 -4.36 3.83 -4.87
CA GLY B 477 -3.86 2.71 -5.67
C GLY B 477 -3.25 3.16 -6.98
N ARG B 478 -2.42 2.29 -7.57
CA ARG B 478 -1.88 2.50 -8.91
C ARG B 478 -2.03 1.23 -9.73
N GLU B 479 -2.36 1.41 -11.01
CA GLU B 479 -2.51 0.30 -11.95
C GLU B 479 -1.74 0.59 -13.23
N SER B 480 -1.62 -0.46 -14.05
CA SER B 480 -1.04 -0.39 -15.40
C SER B 480 0.49 -0.29 -15.37
N GLY B 481 1.03 0.91 -15.59
CA GLY B 481 2.44 1.06 -15.95
C GLY B 481 3.40 1.28 -14.79
N SER B 482 4.59 1.79 -15.16
CA SER B 482 5.74 1.89 -14.26
C SER B 482 5.86 0.56 -13.51
N ASP B 483 6.08 0.61 -12.19
CA ASP B 483 6.19 -0.61 -11.40
C ASP B 483 4.93 -0.84 -10.56
N ALA B 484 3.77 -0.50 -11.12
CA ALA B 484 2.51 -0.84 -10.48
C ALA B 484 2.40 -2.34 -10.21
N TRP B 485 3.07 -3.17 -11.04
CA TRP B 485 3.03 -4.63 -10.86
C TRP B 485 3.44 -5.07 -9.45
N ARG B 486 4.21 -4.25 -8.73
CA ARG B 486 4.68 -4.69 -7.42
C ARG B 486 3.51 -4.94 -6.46
N ALA B 487 2.39 -4.26 -6.66
CA ALA B 487 1.24 -4.50 -5.77
C ALA B 487 0.64 -5.89 -5.96
N TYR B 488 1.03 -6.60 -7.02
CA TYR B 488 0.49 -7.93 -7.30
C TYR B 488 1.43 -9.04 -6.84
N MET B 489 2.52 -8.69 -6.16
CA MET B 489 3.48 -9.70 -5.74
C MET B 489 3.90 -9.41 -4.31
N ARG B 490 4.63 -10.35 -3.71
CA ARG B 490 5.15 -10.11 -2.38
C ARG B 490 6.67 -10.07 -2.41
N ARG B 491 7.22 -9.10 -1.70
CA ARG B 491 8.65 -8.90 -1.59
C ARG B 491 9.23 -9.83 -0.53
N ALA B 492 10.37 -10.43 -0.84
CA ALA B 492 11.15 -11.21 0.12
C ALA B 492 12.56 -10.66 0.16
N THR B 493 13.11 -10.55 1.37
CA THR B 493 14.49 -10.12 1.57
C THR B 493 15.28 -11.35 2.03
N ASN B 494 16.30 -11.73 1.26
CA ASN B 494 17.00 -13.00 1.46
C ASN B 494 18.46 -12.74 1.79
N THR B 495 18.89 -13.15 3.00
CA THR B 495 20.31 -13.18 3.34
C THR B 495 20.80 -14.61 3.28
N VAL B 496 21.91 -14.85 2.59
CA VAL B 496 22.48 -16.18 2.41
C VAL B 496 23.88 -16.19 3.00
N ASN B 497 24.10 -17.05 3.98
CA ASN B 497 25.41 -17.23 4.60
C ASN B 497 26.12 -18.39 3.89
N TYR B 498 27.30 -18.13 3.35
CA TYR B 498 28.07 -19.22 2.76
C TYR B 498 29.42 -19.37 3.45
N SER B 499 29.61 -18.73 4.60
CA SER B 499 30.86 -18.70 5.33
C SER B 499 30.93 -19.75 6.43
N GLY B 500 29.80 -20.37 6.77
CA GLY B 500 29.78 -21.39 7.79
C GLY B 500 29.84 -20.90 9.21
N ARG B 501 29.73 -19.59 9.45
CA ARG B 501 29.90 -19.06 10.79
C ARG B 501 28.78 -18.09 11.13
N VAL B 502 28.58 -17.89 12.44
CA VAL B 502 27.60 -16.97 13.00
C VAL B 502 28.30 -16.17 14.11
N THR B 503 27.88 -14.92 14.28
CA THR B 503 28.42 -14.10 15.36
C THR B 503 28.10 -14.74 16.72
N LEU B 504 29.10 -14.75 17.60
CA LEU B 504 28.94 -15.27 18.95
C LEU B 504 28.75 -14.14 19.95
C1 6PC C . 13.89 -5.85 15.10
C3 6PC C . 15.09 -3.89 14.69
C4 6PC C . 13.91 -3.17 14.78
C2 6PC C . 13.87 -7.36 15.30
C5 6PC C . 12.74 -3.79 15.01
C6 6PC C . 12.72 -5.13 15.18
O1 6PC C . 14.89 -8.06 15.04
O2 6PC C . 12.80 -7.88 15.70
N2 6PC C . 15.07 -5.23 14.84
C1 6PC D . 4.78 -7.79 20.42
C3 6PC D . 5.89 -5.79 20.95
C4 6PC D . 6.48 -5.78 19.69
C2 6PC D . 3.84 -8.93 20.81
C5 6PC D . 6.21 -6.78 18.81
C6 6PC D . 5.37 -7.79 19.16
O1 6PC D . 3.64 -9.89 20.01
O2 6PC D . 3.27 -8.92 21.94
N2 6PC D . 5.04 -6.79 21.29
C1 6PC E . -3.16 -15.49 6.83
C3 6PC E . -3.12 -13.88 5.12
C4 6PC E . -3.57 -12.91 6.01
C2 6PC E . -2.94 -16.93 7.28
C5 6PC E . -3.80 -13.25 7.30
C6 6PC E . -3.61 -14.53 7.72
O1 6PC E . -2.33 -17.74 6.54
O2 6PC E . -3.36 -17.32 8.40
N2 6PC E . -2.93 -15.15 5.54
S SO4 F . 12.71 -34.29 0.01
O1 SO4 F . 13.42 -35.57 0.06
O2 SO4 F . 12.89 -33.69 -1.29
O3 SO4 F . 13.23 -33.45 1.08
O4 SO4 F . 11.28 -34.51 0.23
S SO4 G . -5.01 -27.79 17.32
O1 SO4 G . -3.96 -28.05 16.34
O2 SO4 G . -4.42 -27.63 18.65
O3 SO4 G . -5.95 -28.91 17.33
O4 SO4 G . -5.72 -26.57 16.99
S SO4 H . 17.06 -23.32 36.34
O1 SO4 H . 16.68 -24.71 36.12
O2 SO4 H . 18.51 -23.20 36.31
O3 SO4 H . 16.55 -22.89 37.65
O4 SO4 H . 16.47 -22.47 35.30
S SO4 I . -5.45 14.06 -34.27
O1 SO4 I . -4.24 14.23 -33.48
O2 SO4 I . -5.05 13.91 -35.67
O3 SO4 I . -6.13 12.84 -33.87
O4 SO4 I . -6.34 15.23 -34.10
C1 GOL J . -0.34 -12.81 2.46
O1 GOL J . -0.07 -11.59 3.14
C2 GOL J . 0.42 -12.82 1.14
O2 GOL J . 1.81 -12.69 1.36
C3 GOL J . 0.08 -14.12 0.41
O3 GOL J . 1.06 -14.41 -0.56
C1 6PC K . -9.99 5.69 -17.30
C3 6PC K . -9.04 3.86 -18.39
C4 6PC K . -9.44 3.05 -17.36
C2 6PC K . -10.31 7.18 -17.27
C5 6PC K . -10.12 3.56 -16.29
C6 6PC K . -10.41 4.88 -16.27
O1 6PC K . -9.80 7.94 -18.13
O2 6PC K . -11.09 7.61 -16.37
N2 6PC K . -9.31 5.18 -18.36
C1 6PC L . -8.28 14.26 2.13
C3 6PC L . -6.62 12.65 2.48
C4 6PC L . -7.60 11.67 2.58
C2 6PC L . -8.69 15.71 1.89
C5 6PC L . -8.91 11.99 2.44
C6 6PC L . -9.25 13.28 2.22
O1 6PC L . -7.80 16.58 1.62
O2 6PC L . -9.90 16.04 1.95
N2 6PC L . -6.97 13.94 2.28
S SO4 M . 1.47 34.74 -9.56
O1 SO4 M . 2.74 34.10 -9.28
O2 SO4 M . 0.62 33.93 -10.41
O3 SO4 M . 1.68 36.04 -10.18
O4 SO4 M . 0.78 34.96 -8.29
S SO4 N . -20.39 26.11 0.86
O1 SO4 N . -19.12 26.35 0.18
O2 SO4 N . -20.16 25.14 1.94
O3 SO4 N . -21.39 25.56 -0.05
O4 SO4 N . -20.84 27.38 1.43
S SO4 O . -30.56 21.98 -26.67
O1 SO4 O . -29.58 21.41 -25.74
O2 SO4 O . -30.26 21.55 -28.03
O3 SO4 O . -30.50 23.44 -26.58
O4 SO4 O . -31.89 21.51 -26.30
C1 GOL P . -3.15 12.10 0.70
O1 GOL P . -3.63 10.88 0.16
C2 GOL P . -1.68 12.23 0.37
O2 GOL P . -1.50 12.19 -1.03
C3 GOL P . -1.12 13.53 0.95
O3 GOL P . 0.12 13.82 0.34
#